data_3DAP
#
_entry.id   3DAP
#
_cell.length_a   75.600
_cell.length_b   65.600
_cell.length_c   84.500
_cell.angle_alpha   90.00
_cell.angle_beta   106.60
_cell.angle_gamma   90.00
#
_symmetry.space_group_name_H-M   'P 1 21 1'
#
loop_
_entity.id
_entity.type
_entity.pdbx_description
1 polymer 'DIAMINOPIMELIC ACID DEHYDROGENASE'
2 non-polymer 'NADPH DIHYDRO-NICOTINAMIDE-ADENINE-DINUCLEOTIDE PHOSPHATE'
3 non-polymer "(2S,5',S)-2-AMINO-3-(3-CARBOXY-2-ISOXAZOLIN-5-YL)PROPANOIC ACID"
4 water water
#
_entity_poly.entity_id   1
_entity_poly.type   'polypeptide(L)'
_entity_poly.pdbx_seq_one_letter_code
;MTNIRVAIVGYGNLGRSVEKLIAKQPDMDLVGIFSRRATLDTKTPVFDVADVDKHADDVDVLFLCMGSATDIPEQAPKFA
QFACTVDTYDNHRDIPRHRQVMNEAATAAGNVALVSTGWDPGMFSINRVYAAAVLAEHQQHTFWGPGLSQGHSDALRRIP
GVQKAVQYTLPSEDALEKARRGEAGDLTGKQTHKRQCFVVADAADHERIENDIRTMPDYFVGYEVEVNFIDEATFDSEHT
GMPHGGHVITTGDTGGFNHTVEYILKLDRNPDFTASSQIAFGRAAHRMKQQGQSGAFTVLEVAPYLLSPENLDDLIARDV
;
_entity_poly.pdbx_strand_id   A,B
#
# COMPACT_ATOMS: atom_id res chain seq x y z
N MET A 1 -24.06 -7.40 15.82
CA MET A 1 -24.40 -6.07 16.39
C MET A 1 -25.33 -5.30 15.46
N THR A 2 -24.97 -4.06 15.15
CA THR A 2 -25.75 -3.19 14.26
C THR A 2 -25.98 -3.83 12.89
N ASN A 3 -24.90 -4.07 12.16
CA ASN A 3 -24.92 -4.68 10.83
C ASN A 3 -25.39 -3.77 9.70
N ILE A 4 -24.44 -3.45 8.83
CA ILE A 4 -24.65 -2.60 7.67
C ILE A 4 -25.58 -3.25 6.64
N ARG A 5 -26.64 -2.53 6.28
CA ARG A 5 -27.62 -2.98 5.30
C ARG A 5 -27.21 -2.47 3.92
N VAL A 6 -26.89 -3.39 3.02
CA VAL A 6 -26.45 -3.00 1.68
C VAL A 6 -27.36 -3.46 0.55
N ALA A 7 -27.33 -2.71 -0.55
CA ALA A 7 -28.11 -3.02 -1.74
C ALA A 7 -27.18 -2.85 -2.96
N ILE A 8 -27.46 -3.63 -4.01
CA ILE A 8 -26.67 -3.60 -5.24
C ILE A 8 -27.49 -3.01 -6.39
N VAL A 9 -26.97 -2.01 -7.07
CA VAL A 9 -27.67 -1.42 -8.22
C VAL A 9 -26.94 -1.88 -9.47
N GLY A 10 -27.66 -2.52 -10.39
CA GLY A 10 -27.05 -3.03 -11.60
C GLY A 10 -26.61 -4.45 -11.36
N TYR A 11 -27.04 -5.39 -12.19
CA TYR A 11 -26.68 -6.79 -11.96
C TYR A 11 -25.86 -7.49 -13.04
N GLY A 12 -24.68 -6.94 -13.34
CA GLY A 12 -23.83 -7.55 -14.34
C GLY A 12 -22.83 -8.47 -13.66
N ASN A 13 -21.61 -8.49 -14.18
CA ASN A 13 -20.54 -9.31 -13.63
C ASN A 13 -20.14 -8.80 -12.26
N LEU A 14 -19.97 -7.48 -12.17
CA LEU A 14 -19.59 -6.82 -10.93
C LEU A 14 -20.67 -7.05 -9.88
N GLY A 15 -21.93 -6.78 -10.25
CA GLY A 15 -23.05 -6.97 -9.34
C GLY A 15 -23.11 -8.40 -8.83
N ARG A 16 -22.89 -9.36 -9.73
CA ARG A 16 -22.90 -10.77 -9.34
C ARG A 16 -21.78 -11.07 -8.36
N SER A 17 -20.63 -10.42 -8.57
CA SER A 17 -19.48 -10.63 -7.70
C SER A 17 -19.68 -10.07 -6.30
N VAL A 18 -20.25 -8.88 -6.19
CA VAL A 18 -20.49 -8.29 -4.88
C VAL A 18 -21.57 -9.08 -4.14
N GLU A 19 -22.52 -9.64 -4.89
CA GLU A 19 -23.58 -10.43 -4.27
C GLU A 19 -23.03 -11.66 -3.52
N LYS A 20 -22.27 -12.50 -4.22
CA LYS A 20 -21.72 -13.69 -3.59
C LYS A 20 -20.69 -13.39 -2.50
N LEU A 21 -20.04 -12.24 -2.58
CA LEU A 21 -19.03 -11.85 -1.60
C LEU A 21 -19.59 -11.31 -0.28
N ILE A 22 -20.76 -10.69 -0.33
CA ILE A 22 -21.39 -10.16 0.87
C ILE A 22 -21.68 -11.29 1.87
N ALA A 23 -21.91 -12.49 1.35
CA ALA A 23 -22.17 -13.66 2.18
C ALA A 23 -20.95 -13.92 3.07
N LYS A 24 -19.78 -13.47 2.62
CA LYS A 24 -18.52 -13.62 3.34
C LYS A 24 -18.18 -12.48 4.30
N GLN A 25 -19.02 -11.44 4.32
CA GLN A 25 -18.78 -10.32 5.21
C GLN A 25 -19.46 -10.60 6.55
N PRO A 26 -18.71 -10.40 7.64
CA PRO A 26 -19.22 -10.64 8.99
C PRO A 26 -20.20 -9.59 9.48
N ASP A 27 -20.25 -8.45 8.80
CA ASP A 27 -21.08 -7.34 9.25
C ASP A 27 -22.00 -6.74 8.20
N MET A 28 -22.38 -7.50 7.17
CA MET A 28 -23.25 -6.95 6.13
C MET A 28 -24.43 -7.83 5.79
N ASP A 29 -25.58 -7.19 5.59
CA ASP A 29 -26.82 -7.86 5.21
C ASP A 29 -27.26 -7.33 3.86
N LEU A 30 -27.46 -8.21 2.89
CA LEU A 30 -27.91 -7.81 1.56
C LEU A 30 -29.43 -7.64 1.54
N VAL A 31 -29.92 -6.42 1.35
CA VAL A 31 -31.35 -6.17 1.33
C VAL A 31 -32.02 -6.41 -0.02
N GLY A 32 -31.28 -6.24 -1.11
CA GLY A 32 -31.87 -6.46 -2.42
C GLY A 32 -31.05 -5.92 -3.60
N ILE A 33 -31.54 -6.20 -4.80
CA ILE A 33 -30.91 -5.77 -6.05
C ILE A 33 -31.84 -4.84 -6.80
N PHE A 34 -31.36 -3.64 -7.11
CA PHE A 34 -32.14 -2.67 -7.86
C PHE A 34 -31.76 -2.81 -9.33
N SER A 35 -32.66 -3.39 -10.12
CA SER A 35 -32.39 -3.62 -11.52
C SER A 35 -33.41 -3.05 -12.51
N ARG A 36 -32.95 -2.87 -13.75
CA ARG A 36 -33.80 -2.39 -14.83
C ARG A 36 -34.55 -3.57 -15.43
N ARG A 37 -34.02 -4.77 -15.20
CA ARG A 37 -34.60 -6.01 -15.68
C ARG A 37 -35.45 -6.60 -14.54
N ALA A 38 -36.64 -7.09 -14.87
CA ALA A 38 -37.53 -7.66 -13.86
C ALA A 38 -37.13 -9.04 -13.32
N THR A 39 -36.75 -9.95 -14.20
CA THR A 39 -36.42 -11.32 -13.80
C THR A 39 -34.92 -11.66 -13.86
N LEU A 40 -34.30 -11.77 -12.68
CA LEU A 40 -32.88 -12.12 -12.59
C LEU A 40 -32.71 -13.55 -12.10
N ASP A 41 -31.58 -14.16 -12.46
CA ASP A 41 -31.27 -15.52 -12.04
C ASP A 41 -30.70 -15.51 -10.62
N THR A 42 -31.53 -15.13 -9.64
CA THR A 42 -31.09 -15.05 -8.27
C THR A 42 -32.21 -15.19 -7.23
N LYS A 43 -31.86 -15.61 -6.02
CA LYS A 43 -32.82 -15.76 -4.95
C LYS A 43 -33.05 -14.43 -4.22
N THR A 44 -32.04 -13.57 -4.26
CA THR A 44 -32.10 -12.26 -3.62
C THR A 44 -33.23 -11.45 -4.25
N PRO A 45 -33.96 -10.66 -3.43
CA PRO A 45 -35.06 -9.82 -3.90
C PRO A 45 -34.62 -8.80 -4.93
N VAL A 46 -35.43 -8.63 -5.97
CA VAL A 46 -35.13 -7.67 -7.03
C VAL A 46 -36.16 -6.56 -6.97
N PHE A 47 -35.71 -5.32 -7.16
CA PHE A 47 -36.59 -4.15 -7.13
C PHE A 47 -36.32 -3.27 -8.33
N ASP A 48 -37.34 -2.54 -8.76
CA ASP A 48 -37.22 -1.62 -9.88
C ASP A 48 -36.25 -0.50 -9.46
N VAL A 49 -35.31 -0.11 -10.32
CA VAL A 49 -34.38 0.95 -9.95
C VAL A 49 -35.10 2.27 -9.69
N ALA A 50 -36.33 2.39 -10.19
CA ALA A 50 -37.10 3.61 -9.99
C ALA A 50 -37.68 3.69 -8.59
N ASP A 51 -37.68 2.56 -7.89
CA ASP A 51 -38.22 2.52 -6.54
C ASP A 51 -37.19 2.62 -5.42
N VAL A 52 -36.01 3.14 -5.72
CA VAL A 52 -34.96 3.29 -4.72
C VAL A 52 -35.41 4.21 -3.58
N ASP A 53 -36.16 5.26 -3.93
CA ASP A 53 -36.66 6.20 -2.94
C ASP A 53 -37.60 5.54 -1.93
N LYS A 54 -38.28 4.48 -2.37
CA LYS A 54 -39.19 3.75 -1.51
C LYS A 54 -38.46 2.91 -0.48
N HIS A 55 -37.18 2.64 -0.73
CA HIS A 55 -36.38 1.83 0.21
C HIS A 55 -35.27 2.60 0.89
N ALA A 56 -35.23 3.92 0.66
CA ALA A 56 -34.20 4.80 1.22
C ALA A 56 -33.89 4.58 2.71
N ASP A 57 -34.88 4.09 3.47
CA ASP A 57 -34.68 3.87 4.90
C ASP A 57 -34.25 2.46 5.28
N ASP A 58 -34.36 1.53 4.34
CA ASP A 58 -33.97 0.14 4.60
C ASP A 58 -32.51 -0.08 4.24
N VAL A 59 -31.90 0.90 3.59
CA VAL A 59 -30.52 0.79 3.13
C VAL A 59 -29.53 1.80 3.68
N ASP A 60 -28.33 1.32 3.98
CA ASP A 60 -27.23 2.15 4.51
C ASP A 60 -26.29 2.58 3.38
N VAL A 61 -25.91 1.60 2.55
CA VAL A 61 -25.03 1.87 1.41
C VAL A 61 -25.42 1.12 0.14
N LEU A 62 -25.39 1.84 -0.98
CA LEU A 62 -25.72 1.28 -2.29
C LEU A 62 -24.44 1.00 -3.07
N PHE A 63 -24.24 -0.25 -3.50
CA PHE A 63 -23.09 -0.59 -4.31
C PHE A 63 -23.51 -0.31 -5.76
N LEU A 64 -22.92 0.71 -6.37
CA LEU A 64 -23.27 1.04 -7.75
C LEU A 64 -22.48 0.16 -8.71
N CYS A 65 -23.18 -0.66 -9.48
CA CYS A 65 -22.50 -1.57 -10.38
C CYS A 65 -22.93 -1.53 -11.84
N MET A 66 -23.42 -0.40 -12.32
CA MET A 66 -23.81 -0.30 -13.72
C MET A 66 -22.57 0.02 -14.60
N GLY A 67 -22.80 0.20 -15.90
CA GLY A 67 -21.69 0.49 -16.80
C GLY A 67 -21.11 1.89 -16.62
N SER A 68 -19.79 2.00 -16.70
CA SER A 68 -19.10 3.28 -16.55
C SER A 68 -19.36 4.22 -17.73
N ALA A 69 -19.35 3.66 -18.93
CA ALA A 69 -19.54 4.41 -20.16
C ALA A 69 -20.55 5.56 -20.08
N THR A 70 -21.81 5.23 -19.85
CA THR A 70 -22.85 6.25 -19.80
C THR A 70 -23.70 6.27 -18.52
N ASP A 71 -23.89 5.09 -17.91
CA ASP A 71 -24.71 4.95 -16.71
C ASP A 71 -24.23 5.73 -15.48
N ILE A 72 -22.99 5.48 -15.05
CA ILE A 72 -22.44 6.15 -13.88
C ILE A 72 -22.52 7.69 -13.89
N PRO A 73 -22.01 8.35 -14.95
CA PRO A 73 -22.06 9.82 -15.04
C PRO A 73 -23.44 10.47 -14.88
N GLU A 74 -24.47 9.82 -15.39
CA GLU A 74 -25.82 10.38 -15.30
C GLU A 74 -26.66 9.87 -14.14
N GLN A 75 -26.50 8.61 -13.76
CA GLN A 75 -27.30 8.03 -12.69
C GLN A 75 -26.73 8.13 -11.28
N ALA A 76 -25.43 7.90 -11.15
CA ALA A 76 -24.76 7.93 -9.84
C ALA A 76 -25.15 9.07 -8.89
N PRO A 77 -25.15 10.34 -9.38
CA PRO A 77 -25.51 11.46 -8.52
C PRO A 77 -26.90 11.35 -7.89
N LYS A 78 -27.86 10.82 -8.65
CA LYS A 78 -29.22 10.67 -8.18
C LYS A 78 -29.30 9.69 -7.01
N PHE A 79 -28.51 8.64 -7.05
CA PHE A 79 -28.54 7.66 -5.97
C PHE A 79 -27.94 8.17 -4.67
N ALA A 80 -26.99 9.11 -4.79
CA ALA A 80 -26.30 9.66 -3.63
C ALA A 80 -27.20 10.42 -2.68
N GLN A 81 -28.43 10.68 -3.10
CA GLN A 81 -29.36 11.38 -2.24
C GLN A 81 -30.14 10.41 -1.35
N PHE A 82 -30.12 9.13 -1.67
CA PHE A 82 -30.83 8.14 -0.88
C PHE A 82 -29.99 7.41 0.16
N ALA A 83 -28.69 7.26 -0.09
CA ALA A 83 -27.81 6.57 0.85
C ALA A 83 -26.35 6.70 0.45
N CYS A 84 -25.45 6.15 1.27
CA CYS A 84 -24.03 6.18 0.95
C CYS A 84 -23.85 5.35 -0.32
N THR A 85 -22.94 5.77 -1.19
CA THR A 85 -22.69 5.05 -2.46
C THR A 85 -21.22 4.71 -2.68
N VAL A 86 -20.98 3.64 -3.42
CA VAL A 86 -19.62 3.23 -3.73
C VAL A 86 -19.61 2.77 -5.18
N ASP A 87 -18.79 3.40 -6.01
CA ASP A 87 -18.70 3.03 -7.42
C ASP A 87 -17.23 2.70 -7.81
N THR A 88 -17.03 1.97 -8.91
CA THR A 88 -15.68 1.62 -9.36
C THR A 88 -15.33 2.32 -10.67
N TYR A 89 -16.01 3.43 -10.91
CA TYR A 89 -15.86 4.28 -12.10
C TYR A 89 -14.41 4.41 -12.52
N ASP A 90 -14.11 3.91 -13.72
CA ASP A 90 -12.74 3.91 -14.23
C ASP A 90 -12.32 4.89 -15.33
N ASN A 91 -13.14 5.92 -15.59
CA ASN A 91 -12.77 6.88 -16.62
C ASN A 91 -11.84 7.90 -15.97
N HIS A 92 -10.56 7.55 -15.91
CA HIS A 92 -9.57 8.42 -15.27
C HIS A 92 -9.68 9.90 -15.57
N ARG A 93 -9.82 10.25 -16.85
CA ARG A 93 -9.92 11.65 -17.25
C ARG A 93 -11.21 12.34 -16.80
N ASP A 94 -12.15 11.58 -16.24
CA ASP A 94 -13.41 12.17 -15.81
C ASP A 94 -13.59 12.13 -14.29
N ILE A 95 -12.64 11.53 -13.59
CA ILE A 95 -12.71 11.41 -12.13
C ILE A 95 -12.86 12.74 -11.38
N PRO A 96 -12.03 13.75 -11.70
CA PRO A 96 -12.21 15.01 -10.96
C PRO A 96 -13.62 15.56 -11.14
N ARG A 97 -14.18 15.41 -12.35
CA ARG A 97 -15.53 15.91 -12.64
C ARG A 97 -16.59 15.12 -11.89
N HIS A 98 -16.49 13.79 -11.94
CA HIS A 98 -17.43 12.89 -11.29
C HIS A 98 -17.41 13.10 -9.78
N ARG A 99 -16.24 13.42 -9.23
CA ARG A 99 -16.11 13.65 -7.81
C ARG A 99 -16.77 14.95 -7.39
N GLN A 100 -16.58 16.00 -8.17
CA GLN A 100 -17.18 17.28 -7.85
C GLN A 100 -18.69 17.19 -7.86
N VAL A 101 -19.25 16.54 -8.88
CA VAL A 101 -20.69 16.38 -9.00
C VAL A 101 -21.27 15.49 -7.90
N MET A 102 -20.57 14.41 -7.56
CA MET A 102 -21.03 13.51 -6.52
C MET A 102 -20.96 14.20 -5.16
N ASN A 103 -19.96 15.05 -4.99
CA ASN A 103 -19.77 15.78 -3.75
C ASN A 103 -20.92 16.75 -3.52
N GLU A 104 -21.49 17.27 -4.60
CA GLU A 104 -22.61 18.20 -4.51
C GLU A 104 -23.83 17.43 -4.00
N ALA A 105 -24.12 16.30 -4.63
CA ALA A 105 -25.27 15.49 -4.24
C ALA A 105 -25.14 14.91 -2.85
N ALA A 106 -24.00 14.29 -2.57
CA ALA A 106 -23.74 13.69 -1.26
C ALA A 106 -23.84 14.69 -0.11
N THR A 107 -23.19 15.84 -0.26
CA THR A 107 -23.20 16.86 0.78
C THR A 107 -24.63 17.32 1.07
N ALA A 108 -25.40 17.56 0.02
CA ALA A 108 -26.78 18.00 0.18
C ALA A 108 -27.60 17.00 0.98
N ALA A 109 -27.46 15.74 0.63
CA ALA A 109 -28.22 14.68 1.31
C ALA A 109 -27.61 14.28 2.65
N GLY A 110 -26.40 14.77 2.92
CA GLY A 110 -25.74 14.42 4.16
C GLY A 110 -25.22 12.99 4.15
N ASN A 111 -24.84 12.51 2.96
CA ASN A 111 -24.32 11.16 2.80
C ASN A 111 -22.84 11.14 2.43
N VAL A 112 -22.27 9.94 2.36
CA VAL A 112 -20.87 9.76 1.99
C VAL A 112 -20.81 8.97 0.68
N ALA A 113 -20.19 9.55 -0.34
CA ALA A 113 -20.04 8.87 -1.64
C ALA A 113 -18.57 8.55 -1.89
N LEU A 114 -18.23 7.26 -1.93
CA LEU A 114 -16.86 6.80 -2.21
C LEU A 114 -16.76 6.50 -3.70
N VAL A 115 -16.08 7.36 -4.45
CA VAL A 115 -15.96 7.18 -5.89
C VAL A 115 -14.66 6.55 -6.40
N SER A 116 -14.75 5.88 -7.55
CA SER A 116 -13.60 5.25 -8.19
C SER A 116 -12.78 4.23 -7.40
N THR A 117 -13.46 3.25 -6.81
CA THR A 117 -12.78 2.18 -6.07
C THR A 117 -12.45 1.05 -7.05
N GLY A 118 -11.77 0.01 -6.58
CA GLY A 118 -11.42 -1.09 -7.44
C GLY A 118 -9.94 -1.43 -7.34
N TRP A 119 -9.33 -1.84 -8.44
CA TRP A 119 -7.91 -2.14 -8.39
C TRP A 119 -7.06 -1.12 -9.13
N ASP A 120 -7.31 -0.82 -10.41
CA ASP A 120 -6.45 0.24 -10.93
C ASP A 120 -7.08 1.49 -10.37
N PRO A 121 -8.28 1.89 -10.85
CA PRO A 121 -8.74 3.08 -10.15
C PRO A 121 -9.03 2.39 -8.81
N GLY A 122 -8.18 2.63 -7.82
CA GLY A 122 -8.37 1.98 -6.53
C GLY A 122 -7.04 1.64 -5.91
N MET A 123 -6.76 0.34 -5.76
CA MET A 123 -5.50 -0.10 -5.17
C MET A 123 -4.26 0.47 -5.82
N PHE A 124 -4.22 0.46 -7.14
CA PHE A 124 -3.07 1.00 -7.87
C PHE A 124 -2.93 2.49 -7.61
N SER A 125 -4.05 3.18 -7.45
CA SER A 125 -4.06 4.61 -7.19
C SER A 125 -3.40 4.89 -5.85
N ILE A 126 -3.79 4.10 -4.85
CA ILE A 126 -3.27 4.20 -3.49
C ILE A 126 -1.77 4.00 -3.47
N ASN A 127 -1.29 2.97 -4.16
CA ASN A 127 0.13 2.69 -4.20
C ASN A 127 0.95 3.75 -4.95
N ARG A 128 0.46 4.21 -6.09
CA ARG A 128 1.15 5.25 -6.86
C ARG A 128 1.48 6.43 -5.94
N VAL A 129 0.43 6.97 -5.33
CA VAL A 129 0.54 8.10 -4.44
C VAL A 129 1.43 7.85 -3.22
N TYR A 130 1.47 6.61 -2.73
CA TYR A 130 2.30 6.26 -1.58
C TYR A 130 3.79 6.25 -1.90
N ALA A 131 4.14 5.49 -2.93
CA ALA A 131 5.54 5.37 -3.34
C ALA A 131 6.11 6.67 -3.89
N ALA A 132 5.25 7.48 -4.50
CA ALA A 132 5.67 8.74 -5.06
C ALA A 132 5.92 9.75 -3.96
N ALA A 133 5.17 9.63 -2.87
CA ALA A 133 5.29 10.52 -1.71
C ALA A 133 6.58 10.27 -0.98
N VAL A 134 6.81 8.99 -0.67
CA VAL A 134 8.01 8.57 0.02
C VAL A 134 9.29 8.90 -0.76
N LEU A 135 9.39 8.39 -1.98
CA LEU A 135 10.56 8.63 -2.81
C LEU A 135 10.51 9.98 -3.50
N ALA A 136 11.12 10.99 -2.86
CA ALA A 136 11.18 12.35 -3.37
C ALA A 136 11.32 12.40 -4.88
N GLU A 137 12.54 12.31 -5.39
CA GLU A 137 12.75 12.30 -6.84
C GLU A 137 12.49 10.86 -7.21
N HIS A 138 11.71 10.63 -8.26
CA HIS A 138 11.40 9.24 -8.61
C HIS A 138 10.94 9.01 -10.04
N GLN A 139 10.87 7.74 -10.40
CA GLN A 139 10.37 7.33 -11.69
C GLN A 139 9.26 6.34 -11.36
N GLN A 140 8.14 6.42 -12.07
CA GLN A 140 7.04 5.52 -11.78
C GLN A 140 6.34 5.03 -13.02
N HIS A 141 6.01 3.73 -13.04
CA HIS A 141 5.32 3.11 -14.16
C HIS A 141 4.30 2.11 -13.66
N THR A 142 3.24 1.94 -14.44
CA THR A 142 2.20 0.98 -14.10
C THR A 142 2.01 0.07 -15.32
N PHE A 143 2.06 -1.24 -15.11
CA PHE A 143 1.88 -2.21 -16.19
C PHE A 143 0.63 -2.99 -15.93
N TRP A 144 -0.12 -3.29 -16.98
CA TRP A 144 -1.34 -4.04 -16.83
C TRP A 144 -1.22 -5.46 -17.34
N GLY A 145 -1.83 -6.38 -16.61
CA GLY A 145 -1.84 -7.77 -17.00
C GLY A 145 -0.81 -8.71 -16.40
N PRO A 146 -0.73 -9.95 -16.93
CA PRO A 146 -1.55 -10.45 -18.04
C PRO A 146 -3.06 -10.41 -17.76
N GLY A 147 -3.82 -10.02 -18.78
CA GLY A 147 -5.27 -9.92 -18.62
C GLY A 147 -6.05 -9.69 -19.89
N LEU A 148 -7.32 -10.09 -19.86
CA LEU A 148 -8.21 -9.97 -21.00
C LEU A 148 -8.59 -8.51 -21.26
N SER A 149 -8.18 -7.96 -22.40
CA SER A 149 -8.52 -6.59 -22.75
C SER A 149 -9.76 -6.57 -23.63
N GLN A 150 -10.90 -6.20 -23.05
CA GLN A 150 -12.17 -6.14 -23.78
C GLN A 150 -12.10 -5.26 -25.02
N GLY A 151 -11.39 -4.13 -24.90
CA GLY A 151 -11.27 -3.22 -26.01
C GLY A 151 -10.63 -3.86 -27.22
N HIS A 152 -9.49 -4.50 -27.02
CA HIS A 152 -8.79 -5.17 -28.10
C HIS A 152 -9.49 -6.46 -28.52
N SER A 153 -10.19 -7.12 -27.60
CA SER A 153 -10.92 -8.35 -27.91
C SER A 153 -12.03 -8.03 -28.90
N ASP A 154 -12.71 -6.91 -28.67
CA ASP A 154 -13.80 -6.48 -29.54
C ASP A 154 -13.31 -6.08 -30.94
N ALA A 155 -12.07 -5.62 -31.02
CA ALA A 155 -11.48 -5.23 -32.30
C ALA A 155 -11.22 -6.48 -33.13
N LEU A 156 -10.88 -7.55 -32.43
CA LEU A 156 -10.60 -8.83 -33.05
C LEU A 156 -11.89 -9.48 -33.59
N ARG A 157 -12.96 -9.35 -32.81
CA ARG A 157 -14.26 -9.94 -33.15
C ARG A 157 -15.00 -9.33 -34.34
N ARG A 158 -14.67 -8.10 -34.70
CA ARG A 158 -15.33 -7.47 -35.83
C ARG A 158 -14.59 -7.68 -37.16
N ILE A 159 -13.54 -8.50 -37.11
CA ILE A 159 -12.80 -8.82 -38.33
C ILE A 159 -13.68 -9.84 -39.07
N PRO A 160 -13.76 -9.75 -40.40
CA PRO A 160 -14.58 -10.72 -41.13
C PRO A 160 -13.95 -12.10 -41.05
N GLY A 161 -14.77 -13.10 -40.72
CA GLY A 161 -14.25 -14.46 -40.61
C GLY A 161 -13.99 -14.92 -39.19
N VAL A 162 -13.67 -13.99 -38.29
CA VAL A 162 -13.42 -14.35 -36.90
C VAL A 162 -14.71 -14.84 -36.25
N GLN A 163 -14.69 -16.04 -35.71
CA GLN A 163 -15.87 -16.57 -35.05
C GLN A 163 -15.87 -16.15 -33.59
N LYS A 164 -14.75 -16.40 -32.93
CA LYS A 164 -14.56 -16.03 -31.53
C LYS A 164 -13.13 -15.53 -31.39
N ALA A 165 -12.91 -14.66 -30.41
CA ALA A 165 -11.58 -14.14 -30.18
C ALA A 165 -11.45 -13.47 -28.82
N VAL A 166 -10.19 -13.24 -28.42
CA VAL A 166 -9.87 -12.59 -27.17
C VAL A 166 -8.42 -12.14 -27.29
N GLN A 167 -8.05 -11.09 -26.57
CA GLN A 167 -6.69 -10.58 -26.59
C GLN A 167 -6.24 -10.40 -25.17
N TYR A 168 -4.98 -10.73 -24.91
CA TYR A 168 -4.41 -10.57 -23.58
C TYR A 168 -3.29 -9.55 -23.64
N THR A 169 -3.34 -8.58 -22.74
CA THR A 169 -2.30 -7.59 -22.68
C THR A 169 -1.33 -8.13 -21.63
N LEU A 170 -0.08 -8.32 -22.06
CA LEU A 170 0.96 -8.84 -21.17
C LEU A 170 2.09 -7.83 -20.97
N PRO A 171 2.63 -7.75 -19.76
CA PRO A 171 3.73 -6.80 -19.55
C PRO A 171 5.00 -7.39 -20.16
N SER A 172 5.78 -6.57 -20.86
CA SER A 172 7.03 -7.03 -21.44
C SER A 172 8.00 -7.34 -20.29
N GLU A 173 8.47 -8.58 -20.21
CA GLU A 173 9.41 -8.95 -19.14
C GLU A 173 10.69 -8.13 -19.15
N ASP A 174 11.10 -7.68 -20.33
CA ASP A 174 12.29 -6.86 -20.48
C ASP A 174 12.04 -5.48 -19.86
N ALA A 175 10.88 -4.90 -20.18
CA ALA A 175 10.50 -3.59 -19.68
C ALA A 175 10.32 -3.55 -18.13
N LEU A 176 9.77 -4.62 -17.56
CA LEU A 176 9.59 -4.69 -16.12
C LEU A 176 10.95 -4.63 -15.45
N GLU A 177 11.87 -5.44 -15.95
CA GLU A 177 13.22 -5.50 -15.40
C GLU A 177 13.97 -4.17 -15.51
N LYS A 178 13.69 -3.41 -16.57
CA LYS A 178 14.33 -2.11 -16.76
C LYS A 178 13.73 -1.08 -15.81
N ALA A 179 12.43 -1.15 -15.59
CA ALA A 179 11.75 -0.22 -14.69
C ALA A 179 12.18 -0.48 -13.25
N ARG A 180 12.53 -1.73 -12.96
CA ARG A 180 12.98 -2.11 -11.62
C ARG A 180 14.33 -1.48 -11.31
N ARG A 181 15.15 -1.26 -12.32
CA ARG A 181 16.46 -0.66 -12.12
C ARG A 181 16.47 0.81 -12.55
N GLY A 182 15.30 1.36 -12.80
CA GLY A 182 15.19 2.76 -13.20
C GLY A 182 15.76 3.06 -14.59
N GLU A 183 15.55 2.15 -15.53
CA GLU A 183 16.04 2.31 -16.90
C GLU A 183 14.90 2.45 -17.93
N ALA A 184 13.66 2.58 -17.45
CA ALA A 184 12.51 2.67 -18.35
C ALA A 184 12.04 4.08 -18.68
N GLY A 185 12.84 5.09 -18.35
CA GLY A 185 12.45 6.46 -18.65
C GLY A 185 12.23 6.77 -20.11
N ASP A 186 12.88 6.00 -21.00
CA ASP A 186 12.73 6.23 -22.43
C ASP A 186 11.79 5.30 -23.17
N LEU A 187 11.25 4.29 -22.49
CA LEU A 187 10.35 3.32 -23.12
C LEU A 187 8.96 3.86 -23.47
N THR A 188 8.47 3.48 -24.65
CA THR A 188 7.16 3.90 -25.11
C THR A 188 6.10 2.86 -24.73
N GLY A 189 4.83 3.24 -24.87
CA GLY A 189 3.74 2.34 -24.53
C GLY A 189 3.74 1.08 -25.39
N LYS A 190 4.24 1.23 -26.62
CA LYS A 190 4.31 0.10 -27.54
C LYS A 190 5.53 -0.78 -27.25
N GLN A 191 6.29 -0.42 -26.22
CA GLN A 191 7.46 -1.20 -25.86
C GLN A 191 7.30 -1.85 -24.50
N THR A 192 6.32 -1.38 -23.75
CA THR A 192 6.07 -1.89 -22.41
C THR A 192 5.13 -3.09 -22.31
N HIS A 193 4.32 -3.33 -23.34
CA HIS A 193 3.38 -4.45 -23.34
C HIS A 193 3.39 -5.24 -24.65
N LYS A 194 3.13 -6.53 -24.55
CA LYS A 194 3.04 -7.42 -25.70
C LYS A 194 1.56 -7.76 -25.82
N ARG A 195 1.16 -8.23 -27.00
CA ARG A 195 -0.23 -8.60 -27.23
C ARG A 195 -0.35 -10.01 -27.80
N GLN A 196 -1.17 -10.80 -27.14
CA GLN A 196 -1.38 -12.20 -27.48
C GLN A 196 -2.84 -12.43 -27.88
N CYS A 197 -3.05 -12.89 -29.11
CA CYS A 197 -4.41 -13.13 -29.61
C CYS A 197 -4.73 -14.60 -29.78
N PHE A 198 -5.98 -14.96 -29.52
CA PHE A 198 -6.48 -16.32 -29.68
C PHE A 198 -7.72 -16.27 -30.55
N VAL A 199 -7.56 -16.62 -31.82
CA VAL A 199 -8.65 -16.59 -32.79
C VAL A 199 -9.18 -17.96 -33.23
N VAL A 200 -10.51 -18.07 -33.30
CA VAL A 200 -11.17 -19.28 -33.77
C VAL A 200 -11.72 -18.90 -35.16
N ALA A 201 -11.31 -19.60 -36.21
CA ALA A 201 -11.77 -19.31 -37.58
C ALA A 201 -11.43 -20.45 -38.54
N ASP A 202 -12.13 -20.53 -39.67
CA ASP A 202 -11.87 -21.56 -40.67
C ASP A 202 -10.45 -21.38 -41.19
N ALA A 203 -9.71 -22.49 -41.29
CA ALA A 203 -8.33 -22.45 -41.76
C ALA A 203 -8.15 -21.66 -43.05
N ALA A 204 -9.15 -21.67 -43.91
CA ALA A 204 -9.06 -20.97 -45.18
C ALA A 204 -8.86 -19.45 -45.02
N ASP A 205 -9.28 -18.92 -43.89
CA ASP A 205 -9.17 -17.48 -43.61
C ASP A 205 -7.99 -17.07 -42.73
N HIS A 206 -7.22 -18.04 -42.26
CA HIS A 206 -6.09 -17.77 -41.39
C HIS A 206 -5.04 -16.78 -41.84
N GLU A 207 -4.67 -16.81 -43.11
CA GLU A 207 -3.66 -15.89 -43.61
C GLU A 207 -4.15 -14.46 -43.70
N ARG A 208 -5.39 -14.28 -44.17
CA ARG A 208 -5.94 -12.95 -44.27
C ARG A 208 -6.18 -12.36 -42.89
N ILE A 209 -6.75 -13.16 -42.00
CA ILE A 209 -7.02 -12.69 -40.64
C ILE A 209 -5.73 -12.26 -39.92
N GLU A 210 -4.68 -13.05 -40.01
CA GLU A 210 -3.43 -12.70 -39.34
C GLU A 210 -2.89 -11.37 -39.84
N ASN A 211 -3.08 -11.10 -41.13
CA ASN A 211 -2.63 -9.85 -41.73
C ASN A 211 -3.50 -8.71 -41.22
N ASP A 212 -4.82 -8.93 -41.19
CA ASP A 212 -5.78 -7.93 -40.71
C ASP A 212 -5.46 -7.52 -39.27
N ILE A 213 -4.92 -8.45 -38.49
CA ILE A 213 -4.56 -8.18 -37.11
C ILE A 213 -3.26 -7.40 -37.02
N ARG A 214 -2.22 -7.92 -37.67
CA ARG A 214 -0.91 -7.31 -37.64
C ARG A 214 -0.80 -5.93 -38.27
N THR A 215 -1.76 -5.56 -39.11
CA THR A 215 -1.73 -4.26 -39.77
C THR A 215 -2.82 -3.32 -39.27
N MET A 216 -3.66 -3.80 -38.36
CA MET A 216 -4.73 -3.00 -37.79
C MET A 216 -4.14 -1.83 -37.01
N PRO A 217 -4.30 -0.60 -37.52
CA PRO A 217 -3.75 0.58 -36.82
C PRO A 217 -4.43 0.88 -35.49
N ASP A 218 -3.68 1.55 -34.62
CA ASP A 218 -4.13 1.97 -33.28
C ASP A 218 -4.33 0.84 -32.28
N TYR A 219 -4.32 -0.41 -32.74
CA TYR A 219 -4.51 -1.57 -31.86
C TYR A 219 -3.33 -2.52 -31.81
N PHE A 220 -2.79 -2.86 -32.97
CA PHE A 220 -1.69 -3.80 -33.04
C PHE A 220 -0.45 -3.37 -33.80
N VAL A 221 -0.57 -2.36 -34.65
CA VAL A 221 0.59 -1.88 -35.41
C VAL A 221 1.65 -1.27 -34.49
N GLY A 222 2.91 -1.67 -34.68
CA GLY A 222 3.97 -1.15 -33.83
C GLY A 222 4.20 -1.95 -32.55
N TYR A 223 3.24 -2.81 -32.22
CA TYR A 223 3.34 -3.67 -31.03
C TYR A 223 3.89 -5.03 -31.45
N GLU A 224 4.34 -5.80 -30.47
CA GLU A 224 4.80 -7.14 -30.76
C GLU A 224 3.52 -7.96 -30.57
N VAL A 225 3.07 -8.62 -31.63
CA VAL A 225 1.85 -9.40 -31.56
C VAL A 225 2.11 -10.89 -31.74
N GLU A 226 1.29 -11.69 -31.09
CA GLU A 226 1.38 -13.14 -31.18
C GLU A 226 -0.02 -13.64 -31.49
N VAL A 227 -0.17 -14.36 -32.60
CA VAL A 227 -1.48 -14.88 -33.00
C VAL A 227 -1.52 -16.41 -32.90
N ASN A 228 -2.64 -16.93 -32.43
CA ASN A 228 -2.82 -18.36 -32.28
C ASN A 228 -4.21 -18.72 -32.77
N PHE A 229 -4.31 -19.69 -33.67
CA PHE A 229 -5.60 -20.13 -34.18
C PHE A 229 -5.91 -21.44 -33.50
N ILE A 230 -6.83 -21.39 -32.56
CA ILE A 230 -7.18 -22.57 -31.79
C ILE A 230 -8.53 -23.14 -32.16
N ASP A 231 -8.78 -24.35 -31.69
CA ASP A 231 -10.03 -25.04 -31.94
C ASP A 231 -11.09 -24.39 -31.07
N GLU A 232 -12.34 -24.41 -31.52
CA GLU A 232 -13.41 -23.80 -30.75
C GLU A 232 -13.60 -24.43 -29.37
N ALA A 233 -13.20 -25.69 -29.22
CA ALA A 233 -13.33 -26.39 -27.95
C ALA A 233 -12.27 -25.90 -26.97
N THR A 234 -11.10 -25.58 -27.50
CA THR A 234 -9.99 -25.08 -26.70
C THR A 234 -10.34 -23.66 -26.24
N PHE A 235 -11.08 -22.94 -27.07
CA PHE A 235 -11.47 -21.58 -26.72
C PHE A 235 -12.48 -21.54 -25.57
N ASP A 236 -13.55 -22.33 -25.70
CA ASP A 236 -14.59 -22.37 -24.69
C ASP A 236 -14.14 -22.87 -23.33
N SER A 237 -13.11 -23.72 -23.30
CA SER A 237 -12.64 -24.26 -22.03
C SER A 237 -11.50 -23.48 -21.37
N GLU A 238 -10.71 -22.78 -22.18
CA GLU A 238 -9.58 -22.06 -21.62
C GLU A 238 -9.54 -20.55 -21.74
N HIS A 239 -10.46 -19.97 -22.50
CA HIS A 239 -10.47 -18.51 -22.67
C HIS A 239 -11.84 -17.86 -22.47
N THR A 240 -12.55 -18.32 -21.44
CA THR A 240 -13.86 -17.77 -21.11
C THR A 240 -13.75 -16.99 -19.81
N GLY A 241 -12.65 -17.21 -19.09
CA GLY A 241 -12.40 -16.53 -17.83
C GLY A 241 -12.18 -15.04 -18.00
N MET A 242 -11.86 -14.37 -16.88
CA MET A 242 -11.62 -12.93 -16.89
C MET A 242 -10.43 -12.55 -16.01
N PRO A 243 -9.23 -13.11 -16.30
CA PRO A 243 -8.04 -12.81 -15.51
C PRO A 243 -7.54 -11.40 -15.77
N HIS A 244 -6.73 -10.88 -14.85
CA HIS A 244 -6.15 -9.57 -15.00
C HIS A 244 -5.17 -9.28 -13.87
N GLY A 245 -4.67 -8.05 -13.81
CA GLY A 245 -3.72 -7.69 -12.77
C GLY A 245 -2.74 -6.68 -13.35
N GLY A 246 -1.64 -6.46 -12.65
CA GLY A 246 -0.66 -5.52 -13.13
C GLY A 246 0.47 -5.32 -12.15
N HIS A 247 1.38 -4.42 -12.49
CA HIS A 247 2.56 -4.11 -11.69
C HIS A 247 2.68 -2.61 -11.55
N VAL A 248 2.91 -2.13 -10.34
CA VAL A 248 3.17 -0.70 -10.15
C VAL A 248 4.59 -0.70 -9.63
N ILE A 249 5.50 -0.16 -10.45
CA ILE A 249 6.91 -0.08 -10.09
C ILE A 249 7.35 1.37 -9.95
N THR A 250 7.99 1.66 -8.82
CA THR A 250 8.51 3.00 -8.53
C THR A 250 9.95 2.85 -8.03
N THR A 251 10.82 3.75 -8.49
CA THR A 251 12.23 3.77 -8.10
C THR A 251 12.62 5.19 -7.72
N GLY A 252 13.69 5.32 -6.95
CA GLY A 252 14.13 6.64 -6.55
C GLY A 252 15.55 6.54 -6.07
N ASP A 253 16.34 7.56 -6.40
CA ASP A 253 17.74 7.60 -6.01
C ASP A 253 17.92 8.52 -4.81
N THR A 254 18.68 8.08 -3.82
CA THR A 254 18.91 8.90 -2.63
C THR A 254 20.38 9.31 -2.46
N GLY A 255 21.08 9.50 -3.58
CA GLY A 255 22.49 9.87 -3.51
C GLY A 255 23.35 8.66 -3.79
N GLY A 256 23.20 8.08 -4.97
CA GLY A 256 23.99 6.91 -5.33
C GLY A 256 23.37 5.64 -4.76
N PHE A 257 22.14 5.75 -4.29
CA PHE A 257 21.43 4.60 -3.71
C PHE A 257 20.06 4.52 -4.36
N ASN A 258 19.78 3.38 -4.97
CA ASN A 258 18.48 3.22 -5.63
C ASN A 258 17.54 2.39 -4.79
N HIS A 259 16.24 2.67 -4.90
CA HIS A 259 15.25 1.94 -4.14
C HIS A 259 14.10 1.55 -5.04
N THR A 260 13.68 0.31 -4.94
CA THR A 260 12.58 -0.18 -5.76
C THR A 260 11.37 -0.60 -4.95
N VAL A 261 10.22 -0.05 -5.31
CA VAL A 261 8.94 -0.36 -4.68
C VAL A 261 8.10 -1.00 -5.76
N GLU A 262 7.71 -2.26 -5.56
CA GLU A 262 6.88 -2.92 -6.55
C GLU A 262 5.65 -3.55 -5.94
N TYR A 263 4.50 -3.22 -6.51
CA TYR A 263 3.20 -3.71 -6.07
C TYR A 263 2.63 -4.58 -7.20
N ILE A 264 2.36 -5.84 -6.88
CA ILE A 264 1.84 -6.80 -7.86
C ILE A 264 0.44 -7.34 -7.58
N LEU A 265 -0.35 -7.51 -8.63
CA LEU A 265 -1.69 -8.08 -8.52
C LEU A 265 -1.91 -9.14 -9.59
N LYS A 266 -2.16 -10.37 -9.17
CA LYS A 266 -2.47 -11.48 -10.08
C LYS A 266 -3.91 -11.86 -9.75
N LEU A 267 -4.84 -11.56 -10.66
CA LEU A 267 -6.26 -11.84 -10.43
C LEU A 267 -6.85 -12.92 -11.33
N ASP A 268 -7.42 -13.96 -10.72
CA ASP A 268 -8.03 -15.02 -11.52
C ASP A 268 -9.31 -14.52 -12.14
N ARG A 269 -10.04 -13.69 -11.40
CA ARG A 269 -11.28 -13.14 -11.91
C ARG A 269 -11.34 -11.67 -11.56
N ASN A 270 -11.25 -10.81 -12.57
CA ASN A 270 -11.28 -9.34 -12.43
C ASN A 270 -12.43 -8.79 -11.58
N PRO A 271 -13.70 -8.99 -12.00
CA PRO A 271 -14.84 -8.48 -11.22
C PRO A 271 -14.89 -8.91 -9.75
N ASP A 272 -14.33 -10.09 -9.45
CA ASP A 272 -14.31 -10.61 -8.08
C ASP A 272 -13.42 -9.77 -7.16
N PHE A 273 -12.22 -9.43 -7.64
CA PHE A 273 -11.31 -8.61 -6.84
C PHE A 273 -11.81 -7.17 -6.78
N THR A 274 -12.44 -6.71 -7.87
CA THR A 274 -12.98 -5.36 -7.92
C THR A 274 -14.08 -5.26 -6.87
N ALA A 275 -14.91 -6.30 -6.77
CA ALA A 275 -16.00 -6.34 -5.81
C ALA A 275 -15.49 -6.32 -4.37
N SER A 276 -14.43 -7.08 -4.13
CA SER A 276 -13.82 -7.14 -2.79
C SER A 276 -13.40 -5.74 -2.33
N SER A 277 -12.77 -5.01 -3.24
CA SER A 277 -12.31 -3.66 -2.94
C SER A 277 -13.50 -2.73 -2.71
N GLN A 278 -14.46 -2.77 -3.62
CA GLN A 278 -15.65 -1.95 -3.55
C GLN A 278 -16.39 -2.16 -2.23
N ILE A 279 -16.44 -3.41 -1.77
CA ILE A 279 -17.10 -3.78 -0.51
C ILE A 279 -16.37 -3.23 0.71
N ALA A 280 -15.04 -3.35 0.74
CA ALA A 280 -14.25 -2.85 1.85
C ALA A 280 -14.47 -1.35 2.01
N PHE A 281 -14.54 -0.64 0.88
CA PHE A 281 -14.78 0.80 0.88
C PHE A 281 -16.23 1.14 1.26
N GLY A 282 -17.14 0.20 1.08
CA GLY A 282 -18.53 0.41 1.44
C GLY A 282 -18.60 0.43 2.96
N ARG A 283 -17.75 -0.37 3.60
CA ARG A 283 -17.70 -0.41 5.05
C ARG A 283 -17.14 0.94 5.52
N ALA A 284 -16.11 1.42 4.83
CA ALA A 284 -15.47 2.69 5.15
C ALA A 284 -16.41 3.87 5.02
N ALA A 285 -17.22 3.87 3.96
CA ALA A 285 -18.18 4.96 3.72
C ALA A 285 -19.20 5.03 4.83
N HIS A 286 -19.60 3.85 5.32
CA HIS A 286 -20.58 3.78 6.40
C HIS A 286 -20.01 4.33 7.71
N ARG A 287 -18.76 3.97 8.03
CA ARG A 287 -18.11 4.43 9.25
C ARG A 287 -17.86 5.93 9.21
N MET A 288 -17.57 6.44 8.02
CA MET A 288 -17.32 7.87 7.84
C MET A 288 -18.60 8.69 8.04
N LYS A 289 -19.74 8.09 7.69
CA LYS A 289 -21.03 8.76 7.85
C LYS A 289 -21.38 8.80 9.34
N GLN A 290 -21.03 7.74 10.06
CA GLN A 290 -21.29 7.68 11.51
C GLN A 290 -20.49 8.74 12.26
N GLN A 291 -19.33 9.09 11.72
CA GLN A 291 -18.45 10.09 12.33
C GLN A 291 -18.78 11.53 11.95
N GLY A 292 -19.92 11.73 11.28
CA GLY A 292 -20.33 13.07 10.90
C GLY A 292 -19.90 13.67 9.57
N GLN A 293 -19.17 12.92 8.75
CA GLN A 293 -18.72 13.45 7.46
C GLN A 293 -19.70 13.22 6.33
N SER A 294 -19.59 14.04 5.30
CA SER A 294 -20.43 13.92 4.11
C SER A 294 -19.70 14.50 2.91
N GLY A 295 -20.19 14.18 1.72
CA GLY A 295 -19.55 14.65 0.50
C GLY A 295 -18.94 13.43 -0.17
N ALA A 296 -18.23 13.63 -1.27
CA ALA A 296 -17.59 12.53 -2.01
C ALA A 296 -16.09 12.45 -1.73
N PHE A 297 -15.58 11.23 -1.64
CA PHE A 297 -14.15 11.02 -1.38
C PHE A 297 -13.55 9.95 -2.27
N THR A 298 -12.31 10.17 -2.67
CA THR A 298 -11.56 9.22 -3.49
C THR A 298 -10.86 8.25 -2.54
N VAL A 299 -10.30 7.17 -3.07
CA VAL A 299 -9.59 6.21 -2.24
C VAL A 299 -8.35 6.82 -1.55
N LEU A 300 -7.91 7.98 -2.02
CA LEU A 300 -6.74 8.64 -1.44
C LEU A 300 -7.06 9.35 -0.13
N GLU A 301 -8.32 9.62 0.10
CA GLU A 301 -8.75 10.33 1.29
C GLU A 301 -9.29 9.50 2.44
N VAL A 302 -9.18 8.17 2.35
CA VAL A 302 -9.69 7.36 3.46
C VAL A 302 -8.53 6.64 4.16
N ALA A 303 -8.55 6.67 5.49
CA ALA A 303 -7.51 6.02 6.28
C ALA A 303 -7.71 4.51 6.14
N PRO A 304 -6.60 3.76 5.97
CA PRO A 304 -6.55 2.31 5.81
C PRO A 304 -7.41 1.49 6.80
N TYR A 305 -7.35 1.83 8.09
CA TYR A 305 -8.09 1.07 9.10
C TYR A 305 -9.58 1.03 8.85
N LEU A 306 -10.11 2.09 8.27
CA LEU A 306 -11.54 2.22 7.97
C LEU A 306 -12.13 1.15 7.05
N LEU A 307 -11.29 0.39 6.36
CA LEU A 307 -11.74 -0.66 5.46
C LEU A 307 -11.89 -2.01 6.15
N SER A 308 -11.23 -2.17 7.29
CA SER A 308 -11.22 -3.44 8.00
C SER A 308 -12.38 -3.77 8.93
N PRO A 309 -12.80 -5.04 8.96
CA PRO A 309 -13.89 -5.49 9.82
C PRO A 309 -13.43 -5.67 11.27
N GLU A 310 -12.13 -5.54 11.52
CA GLU A 310 -11.57 -5.69 12.86
C GLU A 310 -11.61 -4.34 13.59
N ASN A 311 -11.37 -4.37 14.90
CA ASN A 311 -11.33 -3.14 15.71
C ASN A 311 -9.98 -2.47 15.43
N LEU A 312 -9.91 -1.14 15.51
CA LEU A 312 -8.64 -0.45 15.27
C LEU A 312 -7.57 -0.98 16.23
N ASP A 313 -7.98 -1.24 17.47
CA ASP A 313 -7.09 -1.75 18.50
C ASP A 313 -6.50 -3.11 18.17
N ASP A 314 -7.32 -4.01 17.64
CA ASP A 314 -6.84 -5.34 17.26
C ASP A 314 -5.88 -5.19 16.10
N LEU A 315 -6.18 -4.25 15.21
CA LEU A 315 -5.32 -4.00 14.06
C LEU A 315 -3.95 -3.54 14.54
N ILE A 316 -3.93 -2.53 15.40
CA ILE A 316 -2.68 -1.99 15.92
C ILE A 316 -1.83 -3.03 16.66
N ALA A 317 -2.45 -3.83 17.50
CA ALA A 317 -1.73 -4.84 18.26
C ALA A 317 -1.24 -6.02 17.41
N ARG A 318 -1.93 -6.30 16.31
CA ARG A 318 -1.57 -7.43 15.48
C ARG A 318 -0.84 -7.15 14.15
N ASP A 319 -1.26 -6.15 13.40
CA ASP A 319 -0.65 -5.91 12.08
C ASP A 319 0.36 -4.78 11.89
N VAL A 320 0.51 -3.91 12.87
CA VAL A 320 1.46 -2.82 12.72
C VAL A 320 2.87 -3.27 13.05
N MET B 1 3.82 31.61 5.79
CA MET B 1 2.70 30.70 5.43
C MET B 1 3.17 29.26 5.18
N THR B 2 4.14 29.12 4.29
CA THR B 2 4.67 27.80 3.96
C THR B 2 5.97 27.48 4.71
N ASN B 3 6.38 26.24 4.58
CA ASN B 3 7.60 25.69 5.18
C ASN B 3 7.55 25.18 6.61
N ILE B 4 7.70 23.87 6.72
CA ILE B 4 7.69 23.15 7.99
C ILE B 4 9.08 23.24 8.60
N ARG B 5 9.19 23.79 9.80
CA ARG B 5 10.48 23.90 10.48
C ARG B 5 10.70 22.58 11.20
N VAL B 6 11.70 21.86 10.70
CA VAL B 6 12.07 20.51 11.14
C VAL B 6 13.38 20.44 11.93
N ALA B 7 13.54 19.37 12.72
CA ALA B 7 14.75 19.14 13.51
C ALA B 7 14.89 17.66 13.82
N ILE B 8 16.13 17.18 13.80
CA ILE B 8 16.48 15.78 14.06
C ILE B 8 16.97 15.55 15.50
N VAL B 9 16.57 14.44 16.10
CA VAL B 9 16.98 14.11 17.46
C VAL B 9 17.66 12.74 17.42
N GLY B 10 18.99 12.73 17.45
CA GLY B 10 19.74 11.49 17.38
C GLY B 10 20.45 11.46 16.04
N TYR B 11 21.78 11.58 16.07
CA TYR B 11 22.55 11.61 14.84
C TYR B 11 23.29 10.30 14.52
N GLY B 12 22.52 9.24 14.31
CA GLY B 12 23.09 7.96 13.95
C GLY B 12 22.91 7.81 12.45
N ASN B 13 22.83 6.57 11.96
CA ASN B 13 22.62 6.34 10.53
C ASN B 13 21.32 6.95 10.04
N LEU B 14 20.23 6.68 10.75
CA LEU B 14 18.92 7.23 10.39
C LEU B 14 18.97 8.74 10.46
N GLY B 15 19.55 9.28 11.54
CA GLY B 15 19.67 10.71 11.70
C GLY B 15 20.38 11.39 10.55
N ARG B 16 21.44 10.77 10.04
CA ARG B 16 22.22 11.33 8.92
C ARG B 16 21.45 11.23 7.60
N SER B 17 20.64 10.19 7.46
CA SER B 17 19.86 10.02 6.25
C SER B 17 18.73 11.04 6.16
N VAL B 18 18.10 11.37 7.28
CA VAL B 18 17.04 12.37 7.20
C VAL B 18 17.61 13.77 6.99
N GLU B 19 18.83 14.02 7.47
CA GLU B 19 19.45 15.32 7.28
C GLU B 19 19.73 15.51 5.78
N LYS B 20 20.27 14.47 5.17
CA LYS B 20 20.61 14.45 3.77
C LYS B 20 19.37 14.64 2.91
N LEU B 21 18.34 13.87 3.20
CA LEU B 21 17.08 13.88 2.46
C LEU B 21 16.14 15.08 2.64
N ILE B 22 16.33 15.84 3.70
CA ILE B 22 15.49 17.02 3.91
C ILE B 22 15.81 18.03 2.80
N ALA B 23 17.01 17.92 2.24
CA ALA B 23 17.43 18.80 1.17
C ALA B 23 16.57 18.61 -0.10
N LYS B 24 16.07 17.39 -0.31
CA LYS B 24 15.24 17.12 -1.48
C LYS B 24 13.77 17.53 -1.30
N GLN B 25 13.45 18.09 -0.12
CA GLN B 25 12.08 18.52 0.18
C GLN B 25 11.85 19.96 -0.23
N PRO B 26 10.71 20.22 -0.87
CA PRO B 26 10.40 21.58 -1.30
C PRO B 26 9.76 22.39 -0.18
N ASP B 27 9.36 21.72 0.89
CA ASP B 27 8.66 22.40 1.98
C ASP B 27 9.23 22.26 3.39
N MET B 28 10.50 21.97 3.51
CA MET B 28 11.06 21.81 4.84
C MET B 28 12.39 22.51 5.03
N ASP B 29 12.56 23.06 6.23
CA ASP B 29 13.79 23.75 6.63
C ASP B 29 14.34 23.05 7.87
N LEU B 30 15.56 22.52 7.76
CA LEU B 30 16.19 21.87 8.89
C LEU B 30 16.73 22.97 9.79
N VAL B 31 16.23 23.07 11.02
CA VAL B 31 16.72 24.09 11.95
C VAL B 31 17.95 23.63 12.74
N GLY B 32 18.02 22.33 13.02
CA GLY B 32 19.15 21.78 13.75
C GLY B 32 19.07 20.30 14.09
N ILE B 33 20.03 19.85 14.90
CA ILE B 33 20.13 18.44 15.34
C ILE B 33 20.35 18.40 16.84
N PHE B 34 19.46 17.75 17.58
CA PHE B 34 19.60 17.61 19.04
C PHE B 34 20.33 16.31 19.32
N SER B 35 21.48 16.38 19.98
CA SER B 35 22.28 15.20 20.24
C SER B 35 22.88 15.17 21.63
N ARG B 36 23.24 13.96 22.08
CA ARG B 36 23.86 13.72 23.37
C ARG B 36 25.34 14.01 23.27
N ARG B 37 25.83 14.13 22.04
CA ARG B 37 27.24 14.40 21.78
C ARG B 37 27.49 15.85 21.40
N ALA B 38 28.67 16.33 21.72
CA ALA B 38 29.07 17.71 21.45
C ALA B 38 29.61 17.98 20.05
N THR B 39 30.44 17.08 19.56
CA THR B 39 31.08 17.25 18.26
C THR B 39 30.56 16.32 17.19
N LEU B 40 29.78 16.87 16.28
CA LEU B 40 29.21 16.11 15.17
C LEU B 40 29.86 16.56 13.86
N ASP B 41 29.92 15.67 12.89
CA ASP B 41 30.54 15.98 11.61
C ASP B 41 29.50 16.54 10.65
N THR B 42 29.11 17.78 10.86
CA THR B 42 28.10 18.42 10.02
C THR B 42 28.05 19.94 10.16
N LYS B 43 27.62 20.60 9.10
CA LYS B 43 27.49 22.06 9.12
C LYS B 43 26.16 22.50 9.72
N THR B 44 25.29 21.53 10.00
CA THR B 44 24.00 21.81 10.61
C THR B 44 24.22 22.11 12.09
N PRO B 45 23.53 23.14 12.61
CA PRO B 45 23.65 23.53 14.02
C PRO B 45 23.30 22.38 14.95
N VAL B 46 24.11 22.18 15.99
CA VAL B 46 23.85 21.11 16.94
C VAL B 46 23.45 21.71 18.27
N PHE B 47 22.43 21.13 18.88
CA PHE B 47 21.94 21.59 20.17
C PHE B 47 22.00 20.43 21.14
N ASP B 48 21.84 20.74 22.42
CA ASP B 48 21.85 19.71 23.43
C ASP B 48 20.42 19.18 23.52
N VAL B 49 20.25 17.86 23.56
CA VAL B 49 18.94 17.24 23.68
C VAL B 49 18.22 17.79 24.94
N ALA B 50 19.00 18.34 25.87
CA ALA B 50 18.45 18.88 27.10
C ALA B 50 17.88 20.28 26.92
N ASP B 51 18.28 20.95 25.84
CA ASP B 51 17.79 22.30 25.56
C ASP B 51 16.65 22.32 24.55
N VAL B 52 15.95 21.19 24.40
CA VAL B 52 14.83 21.12 23.45
C VAL B 52 13.72 22.12 23.82
N ASP B 53 13.41 22.18 25.12
CA ASP B 53 12.41 23.08 25.63
C ASP B 53 12.68 24.51 25.20
N LYS B 54 13.95 24.86 25.05
CA LYS B 54 14.33 26.21 24.65
C LYS B 54 14.05 26.52 23.17
N HIS B 55 13.84 25.48 22.37
CA HIS B 55 13.58 25.65 20.94
C HIS B 55 12.14 25.27 20.54
N ALA B 56 11.28 25.11 21.55
CA ALA B 56 9.88 24.73 21.34
C ALA B 56 9.11 25.57 20.33
N ASP B 57 9.40 26.86 20.29
CA ASP B 57 8.69 27.75 19.38
C ASP B 57 9.24 27.83 17.95
N ASP B 58 10.47 27.41 17.72
CA ASP B 58 11.01 27.49 16.35
C ASP B 58 11.06 26.18 15.59
N VAL B 59 10.43 25.14 16.15
CA VAL B 59 10.38 23.83 15.52
C VAL B 59 8.95 23.31 15.44
N ASP B 60 8.55 22.87 14.25
CA ASP B 60 7.21 22.33 14.05
C ASP B 60 7.15 20.81 14.28
N VAL B 61 8.14 20.08 13.77
CA VAL B 61 8.18 18.63 13.96
C VAL B 61 9.58 18.08 14.21
N LEU B 62 9.69 17.30 15.27
CA LEU B 62 10.95 16.67 15.66
C LEU B 62 11.00 15.25 15.10
N PHE B 63 12.08 14.91 14.42
CA PHE B 63 12.24 13.56 13.89
C PHE B 63 13.07 12.76 14.89
N LEU B 64 12.43 11.81 15.58
CA LEU B 64 13.09 11.00 16.56
C LEU B 64 13.89 9.90 15.90
N CYS B 65 15.20 9.96 16.04
CA CYS B 65 16.04 8.96 15.41
C CYS B 65 16.93 8.21 16.41
N MET B 66 16.51 8.15 17.67
CA MET B 66 17.31 7.41 18.66
C MET B 66 16.98 5.90 18.57
N GLY B 67 17.73 5.08 19.31
CA GLY B 67 17.52 3.65 19.25
C GLY B 67 16.18 3.17 19.80
N SER B 68 15.55 2.25 19.07
CA SER B 68 14.26 1.68 19.48
C SER B 68 14.35 0.85 20.73
N ALA B 69 15.26 -0.12 20.71
CA ALA B 69 15.48 -1.06 21.80
C ALA B 69 15.61 -0.50 23.21
N THR B 70 16.26 0.65 23.38
CA THR B 70 16.41 1.22 24.71
C THR B 70 16.08 2.72 24.85
N ASP B 71 16.35 3.52 23.82
CA ASP B 71 16.12 4.95 23.90
C ASP B 71 14.67 5.40 23.78
N ILE B 72 13.97 4.94 22.75
CA ILE B 72 12.58 5.33 22.51
C ILE B 72 11.59 5.22 23.67
N PRO B 73 11.48 4.03 24.29
CA PRO B 73 10.53 3.91 25.39
C PRO B 73 10.64 4.98 26.47
N GLU B 74 11.85 5.23 26.93
CA GLU B 74 12.08 6.25 27.97
C GLU B 74 12.05 7.70 27.50
N GLN B 75 12.71 8.00 26.39
CA GLN B 75 12.82 9.36 25.85
C GLN B 75 11.67 9.92 25.00
N ALA B 76 11.14 9.12 24.10
CA ALA B 76 10.07 9.57 23.20
C ALA B 76 8.96 10.44 23.81
N PRO B 77 8.28 9.96 24.87
CA PRO B 77 7.20 10.75 25.48
C PRO B 77 7.60 12.15 25.88
N LYS B 78 8.86 12.31 26.27
CA LYS B 78 9.39 13.60 26.69
C LYS B 78 9.32 14.66 25.58
N PHE B 79 9.68 14.29 24.37
CA PHE B 79 9.69 15.22 23.24
C PHE B 79 8.30 15.61 22.70
N ALA B 80 7.31 14.74 22.85
CA ALA B 80 5.95 15.01 22.36
C ALA B 80 5.34 16.26 22.99
N GLN B 81 5.90 16.66 24.12
CA GLN B 81 5.46 17.82 24.89
C GLN B 81 5.90 19.14 24.25
N PHE B 82 6.92 19.10 23.41
CA PHE B 82 7.44 20.32 22.79
C PHE B 82 7.05 20.57 21.33
N ALA B 83 6.72 19.53 20.58
CA ALA B 83 6.31 19.67 19.18
C ALA B 83 5.81 18.36 18.61
N CYS B 84 5.33 18.40 17.37
CA CYS B 84 4.87 17.18 16.72
C CYS B 84 6.06 16.23 16.62
N THR B 85 5.82 14.93 16.64
CA THR B 85 6.91 13.98 16.56
C THR B 85 6.66 12.82 15.61
N VAL B 86 7.75 12.26 15.07
CA VAL B 86 7.68 11.13 14.15
C VAL B 86 8.82 10.16 14.49
N ASP B 87 8.49 8.91 14.80
CA ASP B 87 9.50 7.91 15.12
C ASP B 87 9.35 6.68 14.24
N THR B 88 10.29 5.75 14.32
CA THR B 88 10.23 4.54 13.54
C THR B 88 10.30 3.31 14.45
N TYR B 89 9.81 3.49 15.67
CA TYR B 89 9.82 2.45 16.68
C TYR B 89 9.34 1.11 16.13
N ASP B 90 10.18 0.10 16.27
CA ASP B 90 9.86 -1.22 15.72
C ASP B 90 9.67 -2.44 16.63
N ASN B 91 9.54 -2.26 17.95
CA ASN B 91 9.29 -3.40 18.83
C ASN B 91 7.75 -3.55 18.79
N HIS B 92 7.30 -4.40 17.86
CA HIS B 92 5.88 -4.68 17.62
C HIS B 92 5.03 -5.02 18.85
N ARG B 93 5.55 -5.85 19.74
CA ARG B 93 4.79 -6.21 20.92
C ARG B 93 4.70 -5.06 21.92
N ASP B 94 5.42 -3.98 21.64
CA ASP B 94 5.41 -2.84 22.55
C ASP B 94 4.73 -1.59 21.99
N ILE B 95 4.21 -1.70 20.77
CA ILE B 95 3.55 -0.60 20.06
C ILE B 95 2.27 -0.07 20.70
N PRO B 96 1.39 -0.96 21.18
CA PRO B 96 0.17 -0.44 21.79
C PRO B 96 0.48 0.39 23.04
N ARG B 97 1.45 -0.04 23.83
CA ARG B 97 1.82 0.68 25.04
C ARG B 97 2.44 2.02 24.67
N HIS B 98 3.34 2.00 23.69
CA HIS B 98 4.02 3.19 23.20
C HIS B 98 3.01 4.20 22.66
N ARG B 99 2.04 3.72 21.90
CA ARG B 99 1.01 4.58 21.33
C ARG B 99 0.21 5.27 22.43
N GLN B 100 -0.04 4.54 23.50
CA GLN B 100 -0.79 5.07 24.60
C GLN B 100 -0.03 6.16 25.34
N VAL B 101 1.21 5.89 25.73
CA VAL B 101 1.97 6.90 26.47
C VAL B 101 2.29 8.12 25.63
N MET B 102 2.37 7.96 24.32
CA MET B 102 2.67 9.09 23.44
C MET B 102 1.41 9.90 23.20
N ASN B 103 0.27 9.22 23.23
CA ASN B 103 -1.01 9.88 23.04
C ASN B 103 -1.28 10.82 24.23
N GLU B 104 -0.96 10.34 25.44
CA GLU B 104 -1.15 11.12 26.66
C GLU B 104 -0.38 12.44 26.58
N ALA B 105 0.91 12.32 26.26
CA ALA B 105 1.79 13.47 26.15
C ALA B 105 1.42 14.41 25.04
N ALA B 106 1.10 13.86 23.88
CA ALA B 106 0.74 14.69 22.73
C ALA B 106 -0.59 15.41 22.92
N THR B 107 -1.59 14.70 23.44
CA THR B 107 -2.89 15.29 23.67
C THR B 107 -2.80 16.46 24.63
N ALA B 108 -2.02 16.29 25.70
CA ALA B 108 -1.83 17.33 26.70
C ALA B 108 -1.12 18.57 26.17
N ALA B 109 -0.29 18.39 25.15
CA ALA B 109 0.44 19.51 24.57
C ALA B 109 -0.27 20.12 23.36
N GLY B 110 -1.24 19.40 22.81
CA GLY B 110 -1.95 19.87 21.62
C GLY B 110 -1.16 19.53 20.35
N ASN B 111 -0.30 18.52 20.44
CA ASN B 111 0.54 18.09 19.33
C ASN B 111 0.10 16.78 18.68
N VAL B 112 0.70 16.47 17.54
CA VAL B 112 0.43 15.24 16.82
C VAL B 112 1.68 14.37 16.81
N ALA B 113 1.56 13.12 17.25
CA ALA B 113 2.68 12.20 17.28
C ALA B 113 2.42 11.01 16.35
N LEU B 114 3.21 10.90 15.29
CA LEU B 114 3.09 9.77 14.38
C LEU B 114 4.09 8.70 14.83
N VAL B 115 3.58 7.58 15.34
CA VAL B 115 4.43 6.48 15.84
C VAL B 115 4.62 5.29 14.91
N SER B 116 5.74 4.61 15.08
CA SER B 116 6.07 3.40 14.31
C SER B 116 6.00 3.48 12.79
N THR B 117 6.56 4.54 12.22
CA THR B 117 6.58 4.71 10.77
C THR B 117 7.83 4.02 10.23
N GLY B 118 8.00 4.06 8.90
CA GLY B 118 9.13 3.42 8.25
C GLY B 118 8.63 2.39 7.25
N TRP B 119 9.33 1.25 7.14
CA TRP B 119 8.84 0.21 6.23
C TRP B 119 8.29 -1.01 6.98
N ASP B 120 8.79 -1.29 8.16
CA ASP B 120 8.27 -2.36 9.02
C ASP B 120 8.69 -2.19 10.49
N PRO B 121 7.80 -1.61 11.32
CA PRO B 121 6.47 -1.12 10.96
C PRO B 121 6.53 0.04 9.97
N GLY B 122 5.40 0.36 9.35
CA GLY B 122 5.36 1.43 8.37
C GLY B 122 4.68 0.96 7.10
N MET B 123 5.38 1.03 5.96
CA MET B 123 4.79 0.62 4.69
C MET B 123 4.24 -0.82 4.66
N PHE B 124 4.97 -1.78 5.24
CA PHE B 124 4.50 -3.15 5.27
C PHE B 124 3.21 -3.32 6.09
N SER B 125 3.09 -2.52 7.13
CA SER B 125 1.94 -2.55 8.03
C SER B 125 0.69 -2.11 7.30
N ILE B 126 0.83 -1.07 6.49
CA ILE B 126 -0.27 -0.51 5.69
C ILE B 126 -0.74 -1.52 4.64
N ASN B 127 0.21 -2.22 4.04
CA ASN B 127 -0.11 -3.21 3.02
C ASN B 127 -0.80 -4.42 3.62
N ARG B 128 -0.33 -4.87 4.77
CA ARG B 128 -0.95 -5.99 5.45
C ARG B 128 -2.43 -5.76 5.67
N VAL B 129 -2.77 -4.56 6.15
CA VAL B 129 -4.12 -4.18 6.44
C VAL B 129 -4.98 -4.05 5.18
N TYR B 130 -4.43 -3.46 4.13
CA TYR B 130 -5.21 -3.29 2.89
C TYR B 130 -5.56 -4.63 2.26
N ALA B 131 -4.55 -5.46 2.05
CA ALA B 131 -4.75 -6.78 1.45
C ALA B 131 -5.66 -7.68 2.28
N ALA B 132 -5.55 -7.60 3.60
CA ALA B 132 -6.36 -8.41 4.49
C ALA B 132 -7.81 -7.95 4.50
N ALA B 133 -8.00 -6.63 4.42
CA ALA B 133 -9.34 -6.04 4.41
C ALA B 133 -10.09 -6.39 3.14
N VAL B 134 -9.40 -6.34 2.01
CA VAL B 134 -10.00 -6.63 0.72
C VAL B 134 -10.27 -8.11 0.53
N LEU B 135 -9.28 -8.95 0.79
CA LEU B 135 -9.43 -10.40 0.65
C LEU B 135 -9.90 -11.01 1.97
N ALA B 136 -11.20 -11.04 2.20
CA ALA B 136 -11.77 -11.59 3.45
C ALA B 136 -11.13 -12.93 3.87
N GLU B 137 -11.18 -13.88 2.95
CA GLU B 137 -10.60 -15.20 3.13
C GLU B 137 -9.17 -15.02 2.59
N HIS B 138 -8.17 -15.05 3.47
CA HIS B 138 -6.78 -14.86 3.03
C HIS B 138 -5.73 -15.57 3.88
N GLN B 139 -4.49 -15.52 3.39
CA GLN B 139 -3.30 -16.07 4.05
C GLN B 139 -2.30 -14.96 3.79
N GLN B 140 -1.55 -14.57 4.81
CA GLN B 140 -0.61 -13.46 4.67
C GLN B 140 0.70 -13.73 5.38
N HIS B 141 1.80 -13.35 4.74
CA HIS B 141 3.14 -13.56 5.31
C HIS B 141 4.09 -12.42 4.95
N THR B 142 4.99 -12.11 5.88
CA THR B 142 5.96 -11.06 5.67
C THR B 142 7.38 -11.66 5.76
N PHE B 143 8.20 -11.33 4.77
CA PHE B 143 9.58 -11.82 4.73
C PHE B 143 10.53 -10.65 4.68
N TRP B 144 11.62 -10.76 5.44
CA TRP B 144 12.62 -9.70 5.48
C TRP B 144 13.96 -10.19 4.99
N GLY B 145 14.61 -9.35 4.20
CA GLY B 145 15.94 -9.66 3.72
C GLY B 145 16.09 -10.36 2.40
N PRO B 146 17.29 -10.89 2.11
CA PRO B 146 18.41 -10.77 3.06
C PRO B 146 18.94 -9.34 3.16
N GLY B 147 19.35 -8.91 4.36
CA GLY B 147 19.85 -7.57 4.53
C GLY B 147 20.13 -7.18 5.97
N LEU B 148 20.62 -5.96 6.15
CA LEU B 148 20.99 -5.41 7.47
C LEU B 148 19.80 -4.77 8.20
N SER B 149 19.51 -5.28 9.38
CA SER B 149 18.44 -4.73 10.19
C SER B 149 18.99 -3.73 11.21
N GLN B 150 18.66 -2.45 11.04
CA GLN B 150 19.11 -1.38 11.93
C GLN B 150 18.71 -1.54 13.40
N GLY B 151 17.49 -2.06 13.62
CA GLY B 151 17.00 -2.25 14.99
C GLY B 151 17.73 -3.34 15.73
N HIS B 152 18.02 -4.43 15.04
CA HIS B 152 18.72 -5.54 15.65
C HIS B 152 20.20 -5.19 15.80
N SER B 153 20.73 -4.41 14.85
CA SER B 153 22.14 -4.00 14.90
C SER B 153 22.42 -3.10 16.10
N ASP B 154 21.52 -2.16 16.34
CA ASP B 154 21.62 -1.23 17.46
C ASP B 154 21.42 -1.97 18.79
N ALA B 155 20.53 -2.95 18.80
CA ALA B 155 20.26 -3.73 19.99
C ALA B 155 21.51 -4.51 20.43
N LEU B 156 22.29 -4.96 19.44
CA LEU B 156 23.52 -5.69 19.73
C LEU B 156 24.58 -4.79 20.35
N ARG B 157 24.71 -3.57 19.84
CA ARG B 157 25.70 -2.62 20.35
C ARG B 157 25.47 -2.11 21.77
N ARG B 158 24.25 -2.26 22.30
CA ARG B 158 23.95 -1.79 23.65
C ARG B 158 24.37 -2.83 24.67
N ILE B 159 24.76 -3.99 24.16
CA ILE B 159 25.21 -5.05 25.03
C ILE B 159 26.66 -4.74 25.41
N PRO B 160 26.94 -4.58 26.71
CA PRO B 160 28.29 -4.28 27.18
C PRO B 160 29.32 -5.29 26.68
N GLY B 161 30.45 -4.78 26.20
CA GLY B 161 31.49 -5.65 25.67
C GLY B 161 31.54 -5.59 24.16
N VAL B 162 30.38 -5.35 23.54
CA VAL B 162 30.29 -5.26 22.08
C VAL B 162 30.94 -3.97 21.57
N GLN B 163 32.08 -4.12 20.89
CA GLN B 163 32.80 -2.98 20.34
C GLN B 163 32.11 -2.56 19.04
N LYS B 164 31.85 -3.53 18.18
CA LYS B 164 31.16 -3.31 16.91
C LYS B 164 30.23 -4.51 16.66
N ALA B 165 29.07 -4.25 16.06
CA ALA B 165 28.12 -5.32 15.78
C ALA B 165 27.18 -5.00 14.63
N VAL B 166 26.72 -6.05 13.97
CA VAL B 166 25.80 -5.92 12.83
C VAL B 166 24.95 -7.19 12.75
N GLN B 167 23.73 -7.09 12.26
CA GLN B 167 22.88 -8.27 12.15
C GLN B 167 22.16 -8.35 10.81
N TYR B 168 22.20 -9.54 10.19
CA TYR B 168 21.53 -9.74 8.92
C TYR B 168 20.36 -10.70 9.11
N THR B 169 19.25 -10.40 8.44
CA THR B 169 18.08 -11.23 8.51
C THR B 169 18.02 -12.07 7.24
N LEU B 170 18.06 -13.38 7.40
CA LEU B 170 18.03 -14.27 6.25
C LEU B 170 16.70 -15.01 6.15
N PRO B 171 15.92 -14.72 5.11
CA PRO B 171 14.63 -15.37 4.91
C PRO B 171 14.76 -16.73 4.24
N SER B 172 13.76 -17.58 4.46
CA SER B 172 13.71 -18.91 3.87
C SER B 172 13.06 -18.73 2.49
N GLU B 173 13.86 -18.82 1.42
CA GLU B 173 13.37 -18.65 0.05
C GLU B 173 12.36 -19.73 -0.28
N ASP B 174 12.52 -20.87 0.36
CA ASP B 174 11.64 -22.01 0.16
C ASP B 174 10.23 -21.65 0.63
N ALA B 175 10.14 -21.00 1.79
CA ALA B 175 8.86 -20.60 2.36
C ALA B 175 8.22 -19.44 1.61
N LEU B 176 9.04 -18.61 0.98
CA LEU B 176 8.56 -17.47 0.21
C LEU B 176 7.84 -17.93 -1.05
N GLU B 177 8.29 -19.04 -1.62
CA GLU B 177 7.67 -19.58 -2.82
C GLU B 177 6.39 -20.32 -2.44
N LYS B 178 6.38 -20.93 -1.25
CA LYS B 178 5.21 -21.64 -0.75
C LYS B 178 4.08 -20.63 -0.52
N ALA B 179 4.45 -19.45 -0.01
CA ALA B 179 3.48 -18.39 0.26
C ALA B 179 2.81 -17.98 -1.04
N ARG B 180 3.60 -17.87 -2.11
CA ARG B 180 3.06 -17.48 -3.42
C ARG B 180 2.03 -18.44 -3.94
N ARG B 181 2.10 -19.69 -3.51
CA ARG B 181 1.15 -20.71 -3.95
C ARG B 181 0.08 -20.96 -2.91
N GLY B 182 0.15 -20.22 -1.81
CA GLY B 182 -0.83 -20.36 -0.74
C GLY B 182 -0.71 -21.67 0.01
N GLU B 183 0.52 -22.13 0.20
CA GLU B 183 0.77 -23.38 0.91
C GLU B 183 1.90 -23.24 1.93
N ALA B 184 1.71 -22.32 2.85
CA ALA B 184 2.68 -22.06 3.91
C ALA B 184 1.91 -21.74 5.17
N GLY B 185 0.63 -22.12 5.21
CA GLY B 185 -0.22 -21.84 6.35
C GLY B 185 0.35 -22.27 7.69
N ASP B 186 0.03 -21.50 8.72
CA ASP B 186 0.50 -21.74 10.09
C ASP B 186 1.97 -21.43 10.31
N LEU B 187 2.71 -21.16 9.23
CA LEU B 187 4.13 -20.84 9.32
C LEU B 187 4.30 -19.37 9.73
N THR B 188 5.11 -19.12 10.76
CA THR B 188 5.34 -17.75 11.25
C THR B 188 6.68 -17.16 10.79
N GLY B 189 6.88 -15.88 11.12
CA GLY B 189 8.12 -15.22 10.77
C GLY B 189 9.30 -15.77 11.56
N LYS B 190 9.04 -16.17 12.79
CA LYS B 190 10.09 -16.73 13.64
C LYS B 190 10.57 -18.06 13.08
N GLN B 191 9.72 -18.70 12.28
CA GLN B 191 10.06 -19.98 11.67
C GLN B 191 10.62 -19.86 10.25
N THR B 192 10.53 -18.69 9.65
CA THR B 192 11.01 -18.52 8.30
C THR B 192 12.20 -17.58 8.12
N HIS B 193 12.77 -17.11 9.23
CA HIS B 193 13.91 -16.20 9.19
C HIS B 193 15.02 -16.59 10.12
N LYS B 194 16.25 -16.49 9.65
CA LYS B 194 17.42 -16.76 10.47
C LYS B 194 18.05 -15.40 10.77
N ARG B 195 18.68 -15.28 11.93
CA ARG B 195 19.34 -14.03 12.31
C ARG B 195 20.82 -14.30 12.56
N GLN B 196 21.69 -13.76 11.71
CA GLN B 196 23.11 -13.96 11.90
C GLN B 196 23.79 -12.67 12.36
N CYS B 197 24.49 -12.80 13.48
CA CYS B 197 25.17 -11.68 14.07
C CYS B 197 26.66 -11.73 13.78
N PHE B 198 27.25 -10.55 13.59
CA PHE B 198 28.68 -10.42 13.36
C PHE B 198 29.14 -9.41 14.39
N VAL B 199 29.78 -9.92 15.44
CA VAL B 199 30.23 -9.12 16.55
C VAL B 199 31.75 -9.01 16.72
N VAL B 200 32.20 -7.83 17.13
CA VAL B 200 33.61 -7.57 17.39
C VAL B 200 33.71 -7.33 18.90
N ALA B 201 34.38 -8.23 19.62
CA ALA B 201 34.53 -8.11 21.07
C ALA B 201 35.64 -8.98 21.61
N ASP B 202 36.15 -8.62 22.79
CA ASP B 202 37.20 -9.36 23.44
C ASP B 202 36.77 -10.79 23.66
N ALA B 203 37.69 -11.72 23.43
CA ALA B 203 37.43 -13.13 23.58
C ALA B 203 36.88 -13.46 24.96
N ALA B 204 37.40 -12.78 25.98
CA ALA B 204 36.96 -13.03 27.35
C ALA B 204 35.45 -12.77 27.55
N ASP B 205 34.93 -11.76 26.86
CA ASP B 205 33.51 -11.38 26.96
C ASP B 205 32.58 -12.16 26.04
N HIS B 206 33.09 -13.16 25.33
CA HIS B 206 32.28 -13.92 24.40
C HIS B 206 31.08 -14.66 24.96
N GLU B 207 31.31 -15.49 25.97
CA GLU B 207 30.26 -16.27 26.58
C GLU B 207 29.08 -15.42 27.05
N ARG B 208 29.39 -14.37 27.79
CA ARG B 208 28.37 -13.47 28.31
C ARG B 208 27.59 -12.80 27.19
N ILE B 209 28.30 -12.21 26.23
CA ILE B 209 27.67 -11.53 25.11
C ILE B 209 26.72 -12.45 24.37
N GLU B 210 27.17 -13.66 24.09
CA GLU B 210 26.35 -14.62 23.37
C GLU B 210 25.07 -14.96 24.12
N ASN B 211 25.15 -14.96 25.45
CA ASN B 211 24.02 -15.26 26.31
C ASN B 211 23.00 -14.13 26.19
N ASP B 212 23.48 -12.91 26.33
CA ASP B 212 22.65 -11.72 26.24
C ASP B 212 22.00 -11.58 24.87
N ILE B 213 22.66 -12.09 23.83
CA ILE B 213 22.09 -12.02 22.49
C ILE B 213 20.93 -13.00 22.36
N ARG B 214 21.19 -14.28 22.64
CA ARG B 214 20.17 -15.33 22.53
C ARG B 214 18.99 -15.20 23.49
N THR B 215 19.14 -14.41 24.54
CA THR B 215 18.05 -14.26 25.50
C THR B 215 17.34 -12.91 25.44
N MET B 216 17.72 -12.07 24.48
CA MET B 216 17.13 -10.74 24.36
C MET B 216 15.70 -10.83 23.87
N PRO B 217 14.75 -10.29 24.65
CA PRO B 217 13.34 -10.32 24.28
C PRO B 217 13.03 -9.63 22.97
N ASP B 218 12.05 -10.17 22.25
CA ASP B 218 11.58 -9.61 20.99
C ASP B 218 12.53 -9.60 19.81
N TYR B 219 13.68 -8.97 19.97
CA TYR B 219 14.65 -8.90 18.90
C TYR B 219 15.26 -10.24 18.56
N PHE B 220 15.46 -11.09 19.57
CA PHE B 220 16.10 -12.37 19.31
C PHE B 220 15.44 -13.65 19.81
N VAL B 221 14.78 -13.64 20.96
CA VAL B 221 14.15 -14.86 21.47
C VAL B 221 13.17 -15.49 20.48
N GLY B 222 13.17 -16.82 20.40
CA GLY B 222 12.28 -17.52 19.50
C GLY B 222 12.73 -17.61 18.05
N TYR B 223 13.91 -17.08 17.74
CA TYR B 223 14.48 -17.09 16.39
C TYR B 223 15.69 -17.99 16.34
N GLU B 224 16.03 -18.48 15.15
CA GLU B 224 17.24 -19.27 15.03
C GLU B 224 18.31 -18.17 14.93
N VAL B 225 19.35 -18.24 15.74
CA VAL B 225 20.39 -17.20 15.74
C VAL B 225 21.80 -17.77 15.66
N GLU B 226 22.62 -17.19 14.79
CA GLU B 226 24.01 -17.60 14.64
C GLU B 226 24.84 -16.42 15.10
N VAL B 227 25.81 -16.67 15.97
CA VAL B 227 26.67 -15.61 16.47
C VAL B 227 28.11 -15.81 15.99
N ASN B 228 28.66 -14.78 15.36
CA ASN B 228 30.02 -14.86 14.83
C ASN B 228 30.85 -13.75 15.42
N PHE B 229 31.96 -14.11 16.06
CA PHE B 229 32.88 -13.12 16.64
C PHE B 229 34.06 -13.05 15.69
N ILE B 230 34.20 -11.93 15.00
CA ILE B 230 35.26 -11.77 14.01
C ILE B 230 36.27 -10.66 14.29
N ASP B 231 37.42 -10.78 13.65
CA ASP B 231 38.50 -9.81 13.77
C ASP B 231 37.98 -8.43 13.33
N GLU B 232 38.39 -7.39 14.04
CA GLU B 232 37.94 -6.03 13.70
C GLU B 232 38.30 -5.63 12.27
N ALA B 233 39.42 -6.13 11.76
CA ALA B 233 39.86 -5.80 10.41
C ALA B 233 38.81 -6.27 9.40
N THR B 234 38.42 -7.53 9.52
CA THR B 234 37.43 -8.11 8.63
C THR B 234 36.10 -7.37 8.71
N PHE B 235 35.73 -6.94 9.92
CA PHE B 235 34.47 -6.22 10.11
C PHE B 235 34.42 -4.93 9.29
N ASP B 236 35.35 -4.03 9.54
CA ASP B 236 35.42 -2.74 8.88
C ASP B 236 35.45 -2.76 7.36
N SER B 237 35.79 -3.90 6.78
CA SER B 237 35.87 -3.99 5.34
C SER B 237 34.79 -4.81 4.65
N GLU B 238 34.25 -5.80 5.34
CA GLU B 238 33.21 -6.65 4.77
C GLU B 238 31.78 -6.23 5.12
N HIS B 239 31.61 -5.61 6.29
CA HIS B 239 30.29 -5.21 6.76
C HIS B 239 30.09 -3.71 6.85
N THR B 240 30.06 -3.04 5.71
CA THR B 240 29.87 -1.59 5.69
C THR B 240 28.56 -1.13 5.01
N GLY B 241 28.01 -1.95 4.12
CA GLY B 241 26.78 -1.59 3.43
C GLY B 241 25.54 -1.85 4.27
N MET B 242 24.45 -1.19 3.90
CA MET B 242 23.19 -1.33 4.63
C MET B 242 22.00 -1.66 3.73
N PRO B 243 22.13 -2.71 2.90
CA PRO B 243 21.01 -3.08 2.02
C PRO B 243 19.95 -3.85 2.79
N HIS B 244 18.75 -3.90 2.26
CA HIS B 244 17.67 -4.65 2.90
C HIS B 244 16.45 -4.63 2.00
N GLY B 245 15.41 -5.33 2.43
CA GLY B 245 14.19 -5.37 1.64
C GLY B 245 13.24 -6.40 2.20
N GLY B 246 12.16 -6.67 1.47
CA GLY B 246 11.20 -7.65 1.94
C GLY B 246 9.98 -7.82 1.05
N HIS B 247 9.17 -8.82 1.40
CA HIS B 247 7.97 -9.14 0.66
C HIS B 247 6.78 -9.37 1.59
N VAL B 248 5.67 -8.70 1.31
CA VAL B 248 4.45 -8.96 2.07
C VAL B 248 3.59 -9.68 1.04
N ILE B 249 3.29 -10.94 1.29
CA ILE B 249 2.49 -11.72 0.34
C ILE B 249 1.12 -12.09 0.92
N THR B 250 0.08 -11.81 0.17
CA THR B 250 -1.28 -12.14 0.60
C THR B 250 -2.03 -12.86 -0.52
N THR B 251 -2.54 -14.05 -0.23
CA THR B 251 -3.33 -14.77 -1.23
C THR B 251 -4.79 -14.87 -0.76
N GLY B 252 -5.73 -14.86 -1.69
CA GLY B 252 -7.13 -14.96 -1.32
C GLY B 252 -7.96 -15.71 -2.33
N ASP B 253 -9.08 -16.26 -1.89
CA ASP B 253 -9.98 -17.00 -2.77
C ASP B 253 -11.36 -16.41 -2.72
N THR B 254 -11.96 -16.22 -3.90
CA THR B 254 -13.30 -15.66 -3.98
C THR B 254 -14.35 -16.69 -4.41
N GLY B 255 -14.03 -17.97 -4.23
CA GLY B 255 -14.95 -19.03 -4.59
C GLY B 255 -14.52 -19.79 -5.81
N GLY B 256 -13.30 -20.31 -5.77
CA GLY B 256 -12.76 -21.05 -6.90
C GLY B 256 -11.85 -20.18 -7.76
N PHE B 257 -11.53 -19.00 -7.26
CA PHE B 257 -10.65 -18.08 -7.97
C PHE B 257 -9.68 -17.52 -6.94
N ASN B 258 -8.40 -17.58 -7.26
CA ASN B 258 -7.35 -17.08 -6.36
C ASN B 258 -6.87 -15.72 -6.79
N HIS B 259 -6.42 -14.94 -5.82
CA HIS B 259 -5.87 -13.61 -6.07
C HIS B 259 -4.60 -13.51 -5.24
N THR B 260 -3.57 -12.89 -5.80
CA THR B 260 -2.30 -12.74 -5.10
C THR B 260 -1.92 -11.28 -5.02
N VAL B 261 -1.63 -10.81 -3.81
CA VAL B 261 -1.20 -9.41 -3.64
C VAL B 261 0.22 -9.46 -3.11
N GLU B 262 1.13 -8.77 -3.79
CA GLU B 262 2.53 -8.74 -3.37
C GLU B 262 3.11 -7.33 -3.33
N TYR B 263 3.69 -6.98 -2.18
CA TYR B 263 4.34 -5.69 -1.99
C TYR B 263 5.83 -5.99 -1.80
N ILE B 264 6.66 -5.46 -2.69
CA ILE B 264 8.10 -5.72 -2.64
C ILE B 264 8.93 -4.46 -2.50
N LEU B 265 9.97 -4.54 -1.68
CA LEU B 265 10.91 -3.45 -1.46
C LEU B 265 12.33 -4.00 -1.62
N LYS B 266 13.14 -3.30 -2.40
CA LYS B 266 14.54 -3.66 -2.65
C LYS B 266 15.22 -2.33 -2.36
N LEU B 267 15.84 -2.24 -1.20
CA LEU B 267 16.48 -1.01 -0.76
C LEU B 267 17.99 -1.06 -0.82
N ASP B 268 18.61 -0.10 -1.48
CA ASP B 268 20.07 -0.10 -1.57
C ASP B 268 20.63 0.25 -0.21
N ARG B 269 19.97 1.21 0.45
CA ARG B 269 20.38 1.68 1.75
C ARG B 269 19.16 1.85 2.66
N ASN B 270 19.00 0.93 3.62
CA ASN B 270 17.90 0.92 4.59
C ASN B 270 17.67 2.29 5.26
N PRO B 271 18.73 2.91 5.80
CA PRO B 271 18.59 4.23 6.45
C PRO B 271 17.90 5.27 5.58
N ASP B 272 18.28 5.32 4.30
CA ASP B 272 17.71 6.29 3.35
C ASP B 272 16.23 6.12 3.04
N PHE B 273 15.77 4.88 2.84
CA PHE B 273 14.36 4.67 2.55
C PHE B 273 13.53 4.94 3.81
N THR B 274 13.98 4.39 4.93
CA THR B 274 13.32 4.60 6.23
C THR B 274 13.18 6.11 6.47
N ALA B 275 14.25 6.84 6.22
CA ALA B 275 14.26 8.30 6.38
C ALA B 275 13.26 9.01 5.45
N SER B 276 13.09 8.49 4.24
CA SER B 276 12.16 9.06 3.27
C SER B 276 10.74 8.89 3.76
N SER B 277 10.46 7.71 4.33
CA SER B 277 9.15 7.37 4.86
C SER B 277 8.83 8.26 6.06
N GLN B 278 9.78 8.34 6.99
CA GLN B 278 9.65 9.16 8.19
C GLN B 278 9.38 10.64 7.82
N ILE B 279 10.09 11.16 6.83
CA ILE B 279 9.89 12.55 6.40
C ILE B 279 8.47 12.80 5.89
N ALA B 280 7.96 11.88 5.09
CA ALA B 280 6.62 11.98 4.52
C ALA B 280 5.56 12.05 5.61
N PHE B 281 5.67 11.16 6.58
CA PHE B 281 4.72 11.17 7.70
C PHE B 281 4.94 12.40 8.58
N GLY B 282 6.12 12.98 8.49
CA GLY B 282 6.38 14.19 9.24
C GLY B 282 5.51 15.28 8.66
N ARG B 283 5.36 15.29 7.34
CA ARG B 283 4.51 16.26 6.64
C ARG B 283 3.05 16.08 7.05
N ALA B 284 2.59 14.83 7.08
CA ALA B 284 1.22 14.52 7.45
C ALA B 284 0.93 14.94 8.89
N ALA B 285 1.88 14.65 9.78
CA ALA B 285 1.74 14.98 11.19
C ALA B 285 1.43 16.45 11.35
N HIS B 286 2.19 17.26 10.64
CA HIS B 286 2.02 18.70 10.68
C HIS B 286 0.68 19.15 10.10
N ARG B 287 0.29 18.58 8.98
CA ARG B 287 -0.98 18.91 8.35
C ARG B 287 -2.14 18.55 9.27
N MET B 288 -2.04 17.41 9.94
CA MET B 288 -3.09 16.97 10.85
C MET B 288 -3.24 17.91 12.03
N LYS B 289 -2.13 18.53 12.46
CA LYS B 289 -2.19 19.47 13.56
C LYS B 289 -2.90 20.75 13.10
N GLN B 290 -2.56 21.20 11.88
CA GLN B 290 -3.15 22.39 11.28
C GLN B 290 -4.67 22.27 11.20
N GLN B 291 -5.15 21.04 11.01
CA GLN B 291 -6.58 20.76 10.92
C GLN B 291 -7.29 20.55 12.26
N GLY B 292 -6.58 20.78 13.36
CA GLY B 292 -7.17 20.62 14.68
C GLY B 292 -7.09 19.28 15.38
N GLN B 293 -6.12 18.45 15.02
CA GLN B 293 -5.97 17.14 15.67
C GLN B 293 -4.80 17.08 16.65
N SER B 294 -4.88 16.15 17.59
CA SER B 294 -3.82 15.97 18.58
C SER B 294 -3.81 14.54 19.10
N GLY B 295 -2.64 14.07 19.51
CA GLY B 295 -2.51 12.72 20.02
C GLY B 295 -1.57 11.88 19.16
N ALA B 296 -1.45 10.60 19.52
CA ALA B 296 -0.59 9.67 18.81
C ALA B 296 -1.40 8.84 17.82
N PHE B 297 -0.85 8.69 16.62
CA PHE B 297 -1.50 7.93 15.57
C PHE B 297 -0.53 6.98 14.90
N THR B 298 -1.02 5.83 14.45
CA THR B 298 -0.17 4.88 13.73
C THR B 298 -0.31 5.22 12.25
N VAL B 299 0.42 4.51 11.39
CA VAL B 299 0.36 4.77 9.96
C VAL B 299 -1.01 4.41 9.37
N LEU B 300 -1.72 3.50 10.04
CA LEU B 300 -3.05 3.05 9.58
C LEU B 300 -4.10 4.12 9.75
N GLU B 301 -3.75 5.20 10.42
CA GLU B 301 -4.71 6.25 10.71
C GLU B 301 -4.62 7.53 9.91
N VAL B 302 -3.71 7.60 8.95
CA VAL B 302 -3.60 8.80 8.16
C VAL B 302 -3.94 8.52 6.68
N ALA B 303 -4.78 9.38 6.10
CA ALA B 303 -5.17 9.22 4.70
C ALA B 303 -3.91 9.40 3.88
N PRO B 304 -3.72 8.54 2.87
CA PRO B 304 -2.54 8.58 1.99
C PRO B 304 -2.11 9.94 1.46
N TYR B 305 -3.06 10.74 0.99
CA TYR B 305 -2.72 12.05 0.41
C TYR B 305 -1.92 12.99 1.33
N LEU B 306 -2.07 12.84 2.63
CA LEU B 306 -1.39 13.70 3.57
C LEU B 306 0.14 13.62 3.48
N LEU B 307 0.63 12.50 2.96
CA LEU B 307 2.07 12.30 2.83
C LEU B 307 2.68 13.08 1.66
N SER B 308 1.88 13.35 0.63
CA SER B 308 2.39 14.03 -0.55
C SER B 308 2.57 15.53 -0.45
N PRO B 309 3.62 16.04 -1.11
CA PRO B 309 3.90 17.48 -1.10
C PRO B 309 2.99 18.26 -2.05
N GLU B 310 2.30 17.55 -2.93
CA GLU B 310 1.39 18.14 -3.89
C GLU B 310 -0.01 18.20 -3.32
N ASN B 311 -0.81 19.17 -3.76
CA ASN B 311 -2.17 19.30 -3.25
C ASN B 311 -3.11 18.21 -3.78
N LEU B 312 -4.16 17.93 -3.02
CA LEU B 312 -5.10 16.88 -3.36
C LEU B 312 -5.60 16.87 -4.80
N ASP B 313 -6.04 18.02 -5.30
CA ASP B 313 -6.57 18.11 -6.66
C ASP B 313 -5.64 17.63 -7.76
N ASP B 314 -4.34 17.90 -7.60
CA ASP B 314 -3.36 17.47 -8.59
C ASP B 314 -3.23 15.95 -8.56
N LEU B 315 -3.29 15.37 -7.36
CA LEU B 315 -3.18 13.91 -7.22
C LEU B 315 -4.41 13.21 -7.81
N ILE B 316 -5.60 13.76 -7.55
CA ILE B 316 -6.83 13.19 -8.06
C ILE B 316 -6.90 13.23 -9.59
N ALA B 317 -6.36 14.30 -10.16
CA ALA B 317 -6.37 14.48 -11.60
C ALA B 317 -5.23 13.79 -12.31
N ARG B 318 -4.29 13.23 -11.58
CA ARG B 318 -3.16 12.58 -12.23
C ARG B 318 -2.86 11.15 -11.81
N ASP B 319 -3.07 10.82 -10.54
CA ASP B 319 -2.74 9.49 -10.06
C ASP B 319 -3.87 8.50 -9.79
N VAL B 320 -5.09 8.97 -9.64
CA VAL B 320 -6.20 8.04 -9.40
C VAL B 320 -6.61 7.33 -10.70
#